data_3CWC
#
_entry.id   3CWC
#
_cell.length_a   63.733
_cell.length_b   59.549
_cell.length_c   103.605
_cell.angle_alpha   90.000
_cell.angle_beta   106.010
_cell.angle_gamma   90.000
#
_symmetry.space_group_name_H-M   'P 1 21 1'
#
loop_
_entity.id
_entity.type
_entity.pdbx_description
1 polymer 'Putative glycerate kinase 2'
2 non-polymer 1,2-ETHANEDIOL
3 non-polymer 'CHLORIDE ION'
4 water water
#
_entity_poly.entity_id   1
_entity_poly.type   'polypeptide(L)'
_entity_poly.pdbx_seq_one_letter_code
;SNA(MSE)KIVIAPDSYKESLSALEVATAIEQGFREIWPDADYLKLPLADGGEGTVEA(MSE)VEATAGRIVHVEVTGPL
GHRVNAFYGLSGDARSAFIE(MSE)AAASGLEQVPPAQRDPLKTTSWGTGELIRHALDAGVEHIIIGIGGSATNDGGAG
(MSE)VQALGARLRDAQGNDIAQGGIGLETLASIDISGLDKRLSACHIEVACDVTNPLTGKEGASAVFGPQKGATPE
(MSE)IERLDTALTRYAHLIARDLHVDVLDLAGGGAAGG(MSE)GAALYAFCGAQLRRGIEIVTDALHLEACLADADLVI
TGEGRIDSQTIHGKVPIGVANIAKRYNKPVIGIAGSLTADVSVVHEHGLDAVFSVIYTICTLEDALKNASENVR(MSE)T
ARNVAATLKAGQQLR
;
_entity_poly.pdbx_strand_id   A,B
#
loop_
_chem_comp.id
_chem_comp.type
_chem_comp.name
_chem_comp.formula
CL non-polymer 'CHLORIDE ION' 'Cl -1'
EDO non-polymer 1,2-ETHANEDIOL 'C2 H6 O2'
#
# COMPACT_ATOMS: atom_id res chain seq x y z
N ALA A 3 6.10 25.85 -18.67
CA ALA A 3 6.34 24.63 -17.85
C ALA A 3 5.22 24.43 -16.85
N MSE A 4 4.83 23.18 -16.66
CA MSE A 4 3.86 22.83 -15.68
C MSE A 4 4.41 23.16 -14.31
O MSE A 4 5.52 22.81 -14.01
CB MSE A 4 3.59 21.33 -15.70
CG MSE A 4 2.37 20.93 -14.86
SE MSE A 4 2.06 19.02 -14.93
CE MSE A 4 1.33 19.08 -16.75
N LYS A 5 3.59 23.81 -13.48
CA LYS A 5 3.96 24.14 -12.12
C LYS A 5 3.33 23.16 -11.18
N ILE A 6 4.16 22.47 -10.41
CA ILE A 6 3.74 21.44 -9.51
C ILE A 6 4.25 21.85 -8.11
N VAL A 7 3.31 22.05 -7.17
CA VAL A 7 3.66 22.38 -5.79
C VAL A 7 3.50 21.12 -4.97
N ILE A 8 4.53 20.77 -4.20
CA ILE A 8 4.55 19.64 -3.33
C ILE A 8 4.60 20.13 -1.88
N ALA A 9 3.47 19.99 -1.18
CA ALA A 9 3.23 20.64 0.14
C ALA A 9 2.65 19.64 1.17
N PRO A 10 3.48 18.65 1.60
CA PRO A 10 3.08 17.64 2.56
C PRO A 10 3.47 18.00 4.00
N ASP A 11 2.81 17.32 4.94
CA ASP A 11 3.19 17.20 6.32
C ASP A 11 4.18 16.03 6.44
N SER A 12 4.72 15.82 7.65
CA SER A 12 5.68 14.71 7.82
C SER A 12 4.95 13.39 7.95
N TYR A 13 5.73 12.33 7.93
CA TYR A 13 5.27 11.04 8.37
C TYR A 13 5.79 10.85 9.78
N LYS A 14 4.87 10.74 10.73
CA LYS A 14 5.20 10.57 12.11
C LYS A 14 6.03 9.31 12.42
N GLU A 15 7.16 9.50 13.11
CA GLU A 15 8.16 8.45 13.40
C GLU A 15 8.89 8.02 12.15
N SER A 16 8.77 8.81 11.09
CA SER A 16 9.45 8.49 9.86
C SER A 16 9.91 9.82 9.22
N LEU A 17 9.67 9.96 7.93
CA LEU A 17 10.23 11.04 7.15
C LEU A 17 9.73 12.41 7.57
N SER A 18 10.62 13.40 7.62
CA SER A 18 10.24 14.79 7.82
C SER A 18 9.43 15.30 6.60
N ALA A 19 8.70 16.41 6.76
CA ALA A 19 7.93 17.06 5.71
C ALA A 19 8.76 17.27 4.46
N LEU A 20 9.99 17.76 4.65
CA LEU A 20 10.92 17.95 3.54
C LEU A 20 11.33 16.63 2.86
N GLU A 21 11.58 15.58 3.65
CA GLU A 21 11.97 14.31 3.10
C GLU A 21 10.82 13.70 2.30
N VAL A 22 9.58 13.87 2.74
CA VAL A 22 8.41 13.47 1.96
C VAL A 22 8.38 14.21 0.62
N ALA A 23 8.59 15.53 0.69
CA ALA A 23 8.49 16.40 -0.47
C ALA A 23 9.60 16.03 -1.46
N THR A 24 10.77 15.67 -0.95
CA THR A 24 11.89 15.28 -1.81
C THR A 24 11.64 13.96 -2.49
N ALA A 25 11.08 12.99 -1.75
CA ALA A 25 10.75 11.69 -2.32
C ALA A 25 9.68 11.81 -3.40
N ILE A 26 8.70 12.68 -3.19
CA ILE A 26 7.65 12.90 -4.14
C ILE A 26 8.21 13.55 -5.41
N GLU A 27 9.09 14.52 -5.25
CA GLU A 27 9.66 15.21 -6.39
C GLU A 27 10.55 14.30 -7.22
N GLN A 28 11.43 13.54 -6.57
CA GLN A 28 12.18 12.46 -7.24
C GLN A 28 11.33 11.52 -8.10
N GLY A 29 10.24 10.97 -7.57
CA GLY A 29 9.34 10.12 -8.36
C GLY A 29 8.69 10.84 -9.54
N PHE A 30 8.15 12.03 -9.29
CA PHE A 30 7.62 12.87 -10.36
C PHE A 30 8.62 13.18 -11.47
N ARG A 31 9.88 13.43 -11.13
CA ARG A 31 10.86 13.73 -12.17
C ARG A 31 11.19 12.55 -13.07
N GLU A 32 10.90 11.36 -12.62
CA GLU A 32 11.05 10.19 -13.46
C GLU A 32 10.08 10.19 -14.66
N ILE A 33 8.96 10.88 -14.53
CA ILE A 33 7.96 11.05 -15.59
C ILE A 33 8.08 12.44 -16.19
N TRP A 34 8.19 13.48 -15.35
CA TRP A 34 8.23 14.86 -15.80
C TRP A 34 9.50 15.59 -15.30
N PRO A 35 10.68 15.27 -15.92
CA PRO A 35 11.93 15.86 -15.43
C PRO A 35 11.98 17.35 -15.45
N ASP A 36 11.39 17.94 -16.48
CA ASP A 36 11.52 19.31 -16.81
C ASP A 36 10.37 20.18 -16.31
N ALA A 37 9.43 19.66 -15.53
CA ALA A 37 8.42 20.51 -14.95
C ALA A 37 9.08 21.44 -13.92
N ASP A 38 8.35 22.47 -13.50
CA ASP A 38 8.74 23.33 -12.38
C ASP A 38 8.17 22.89 -11.03
N TYR A 39 9.06 22.44 -10.15
CA TYR A 39 8.74 21.96 -8.80
C TYR A 39 9.04 22.95 -7.69
N LEU A 40 8.14 23.03 -6.72
CA LEU A 40 8.30 23.80 -5.52
C LEU A 40 7.91 22.86 -4.38
N LYS A 41 8.87 22.58 -3.51
CA LYS A 41 8.63 21.88 -2.26
C LYS A 41 8.40 22.91 -1.15
N LEU A 42 7.29 22.74 -0.47
CA LEU A 42 6.90 23.53 0.68
C LEU A 42 6.53 22.57 1.80
N PRO A 43 7.52 22.12 2.58
CA PRO A 43 7.21 21.31 3.76
C PRO A 43 6.32 22.07 4.71
N LEU A 44 5.24 21.43 5.14
CA LEU A 44 4.26 22.12 5.98
C LEU A 44 4.23 21.54 7.37
N ALA A 45 3.52 22.20 8.26
CA ALA A 45 3.31 21.72 9.64
C ALA A 45 2.06 22.42 10.17
N ASP A 46 1.47 21.85 11.21
CA ASP A 46 0.20 22.36 11.76
C ASP A 46 0.39 23.15 13.07
N GLY A 47 1.63 23.50 13.39
CA GLY A 47 1.93 24.13 14.67
C GLY A 47 2.38 23.14 15.74
N GLY A 48 2.26 21.85 15.44
CA GLY A 48 2.68 20.79 16.32
C GLY A 48 4.16 20.46 16.20
N GLU A 49 4.51 19.26 16.64
CA GLU A 49 5.86 18.71 16.50
C GLU A 49 6.35 18.92 15.07
N GLY A 50 7.59 19.36 14.91
CA GLY A 50 8.23 19.55 13.59
C GLY A 50 7.95 20.88 12.91
N THR A 51 7.30 21.82 13.61
CA THR A 51 6.94 23.12 13.01
C THR A 51 8.16 24.01 12.85
N VAL A 52 9.08 23.99 13.82
CA VAL A 52 10.31 24.85 13.75
C VAL A 52 11.19 24.43 12.59
N GLU A 53 11.42 23.12 12.44
CA GLU A 53 12.20 22.58 11.33
C GLU A 53 11.59 22.79 9.94
N ALA A 54 10.27 22.71 9.85
CA ALA A 54 9.60 22.87 8.57
C ALA A 54 9.64 24.32 8.12
N MSE A 55 9.47 25.23 9.08
CA MSE A 55 9.50 26.67 8.80
C MSE A 55 10.87 27.19 8.39
O MSE A 55 10.98 28.06 7.53
CB MSE A 55 9.00 27.45 10.03
CG MSE A 55 7.50 27.30 10.28
SE MSE A 55 6.41 27.84 8.77
CE MSE A 55 6.74 29.75 8.62
N VAL A 56 11.92 26.69 9.05
CA VAL A 56 13.28 27.05 8.69
C VAL A 56 13.54 26.64 7.23
N GLU A 57 13.21 25.40 6.89
CA GLU A 57 13.44 24.88 5.56
C GLU A 57 12.65 25.68 4.54
N ALA A 58 11.35 25.78 4.78
CA ALA A 58 10.43 26.53 3.93
C ALA A 58 10.84 28.01 3.73
N THR A 59 11.60 28.57 4.68
CA THR A 59 12.03 29.98 4.63
C THR A 59 13.56 30.16 4.50
N ALA A 60 14.27 29.05 4.28
CA ALA A 60 15.72 29.06 4.05
C ALA A 60 16.45 29.68 5.22
N GLY A 61 15.91 29.51 6.41
CA GLY A 61 16.48 30.10 7.62
C GLY A 61 17.39 29.11 8.30
N ARG A 62 17.46 29.15 9.63
CA ARG A 62 18.34 28.24 10.38
C ARG A 62 17.87 27.96 11.80
N ILE A 63 18.33 26.83 12.33
CA ILE A 63 18.13 26.43 13.74
C ILE A 63 19.23 26.96 14.67
N VAL A 64 18.84 27.61 15.76
CA VAL A 64 19.76 28.14 16.77
C VAL A 64 19.62 27.31 18.04
N HIS A 65 20.68 26.67 18.51
CA HIS A 65 20.63 25.93 19.79
C HIS A 65 21.01 26.84 20.94
N VAL A 66 20.25 26.81 22.03
CA VAL A 66 20.62 27.59 23.24
C VAL A 66 20.16 26.90 24.52
N GLU A 67 20.86 27.16 25.62
CA GLU A 67 20.52 26.53 26.90
C GLU A 67 19.54 27.35 27.70
N VAL A 68 18.56 26.64 28.25
CA VAL A 68 17.48 27.24 28.98
C VAL A 68 17.10 26.42 30.22
N THR A 69 16.26 27.02 31.06
CA THR A 69 15.68 26.31 32.20
C THR A 69 14.57 25.38 31.72
N GLY A 70 14.79 24.09 32.00
CA GLY A 70 13.83 23.06 31.72
C GLY A 70 12.63 23.13 32.63
N PRO A 71 11.64 22.25 32.37
CA PRO A 71 10.40 22.31 33.19
C PRO A 71 10.58 22.02 34.71
N LEU A 72 11.60 21.27 35.14
CA LEU A 72 11.79 21.03 36.60
C LEU A 72 12.93 21.91 37.16
N GLY A 73 13.30 22.96 36.42
CA GLY A 73 14.32 23.93 36.80
C GLY A 73 15.75 23.67 36.33
N HIS A 74 16.01 22.50 35.76
CA HIS A 74 17.37 22.10 35.39
C HIS A 74 17.73 22.60 34.00
N ARG A 75 19.01 22.53 33.66
CA ARG A 75 19.47 23.05 32.36
C ARG A 75 19.11 22.07 31.25
N VAL A 76 18.52 22.57 30.16
CA VAL A 76 18.29 21.73 28.98
C VAL A 76 18.76 22.45 27.71
N ASN A 77 19.17 21.67 26.70
CA ASN A 77 19.52 22.27 25.43
C ASN A 77 18.29 22.34 24.54
N ALA A 78 17.72 23.54 24.46
CA ALA A 78 16.56 23.80 23.66
C ALA A 78 17.05 24.32 22.31
N PHE A 79 16.10 24.71 21.46
CA PHE A 79 16.43 25.29 20.18
C PHE A 79 15.29 26.20 19.72
N TYR A 80 15.57 26.97 18.67
CA TYR A 80 14.54 27.74 17.96
C TYR A 80 14.99 28.00 16.53
N GLY A 81 14.10 28.57 15.72
CA GLY A 81 14.36 28.83 14.33
C GLY A 81 14.23 30.29 13.97
N LEU A 82 15.14 30.75 13.11
CA LEU A 82 15.05 32.08 12.53
C LEU A 82 14.76 31.91 11.04
N SER A 83 14.05 32.88 10.45
CA SER A 83 13.78 32.87 9.01
C SER A 83 15.02 33.26 8.23
N GLY A 84 14.95 33.07 6.91
CA GLY A 84 16.03 33.45 6.01
C GLY A 84 16.32 34.93 6.03
N ASP A 85 15.26 35.75 6.11
CA ASP A 85 15.40 37.22 6.23
C ASP A 85 15.72 37.71 7.66
N ALA A 86 15.76 36.78 8.62
CA ALA A 86 15.95 37.06 10.05
C ALA A 86 14.89 38.01 10.66
N ARG A 87 13.69 37.99 10.07
CA ARG A 87 12.56 38.84 10.51
C ARG A 87 11.48 38.05 11.27
N SER A 88 11.59 36.73 11.24
CA SER A 88 10.66 35.87 11.95
C SER A 88 11.42 34.82 12.79
N ALA A 89 10.88 34.54 13.98
CA ALA A 89 11.30 33.41 14.83
C ALA A 89 10.19 32.36 14.94
N PHE A 90 10.62 31.09 14.97
CA PHE A 90 9.70 29.97 15.14
C PHE A 90 10.09 29.25 16.43
N ILE A 91 9.14 29.17 17.37
CA ILE A 91 9.38 28.53 18.66
C ILE A 91 8.37 27.40 18.91
N GLU A 92 8.90 26.24 19.29
CA GLU A 92 8.12 25.19 19.96
C GLU A 92 8.49 25.23 21.43
N MSE A 93 7.52 25.68 22.22
CA MSE A 93 7.52 25.66 23.67
C MSE A 93 8.16 24.40 24.24
O MSE A 93 8.94 24.49 25.18
CB MSE A 93 6.04 25.68 24.09
CG MSE A 93 5.84 25.54 25.51
SE MSE A 93 5.47 23.79 26.13
CE MSE A 93 5.13 24.53 27.89
N ALA A 94 7.76 23.23 23.69
CA ALA A 94 8.10 21.92 24.22
C ALA A 94 9.61 21.66 24.26
N ALA A 95 10.34 22.31 23.35
CA ALA A 95 11.79 22.26 23.30
C ALA A 95 12.36 22.61 24.69
N ALA A 96 11.77 23.66 25.31
CA ALA A 96 12.15 24.17 26.62
C ALA A 96 11.37 23.56 27.81
N SER A 97 10.03 23.50 27.69
CA SER A 97 9.16 23.25 28.84
C SER A 97 8.22 22.07 28.59
N GLY A 98 8.66 21.15 27.73
CA GLY A 98 7.81 20.08 27.32
C GLY A 98 7.85 18.85 28.20
N LEU A 99 6.80 18.06 28.06
CA LEU A 99 6.65 16.72 28.67
C LEU A 99 7.79 15.74 28.31
N GLU A 100 8.43 15.90 27.15
CA GLU A 100 9.59 15.05 26.82
C GLU A 100 10.83 15.30 27.68
N GLN A 101 10.89 16.48 28.29
CA GLN A 101 11.98 16.89 29.18
C GLN A 101 11.80 16.39 30.60
N VAL A 102 10.64 15.83 30.90
CA VAL A 102 10.30 15.33 32.22
C VAL A 102 10.11 13.81 32.16
N PRO A 103 11.03 13.01 32.73
CA PRO A 103 10.75 11.57 32.85
C PRO A 103 9.40 11.30 33.50
N PRO A 104 8.71 10.22 33.08
CA PRO A 104 7.36 9.93 33.60
C PRO A 104 7.24 9.90 35.13
N ALA A 105 8.21 9.30 35.80
CA ALA A 105 8.22 9.26 37.28
C ALA A 105 8.21 10.64 37.95
N GLN A 106 8.88 11.61 37.33
CA GLN A 106 9.09 12.94 37.93
C GLN A 106 8.09 14.01 37.49
N ARG A 107 7.01 13.59 36.82
CA ARG A 107 5.96 14.52 36.40
C ARG A 107 5.13 15.10 37.53
N ASP A 108 5.35 16.38 37.81
CA ASP A 108 4.61 17.08 38.86
C ASP A 108 4.13 18.45 38.34
N PRO A 109 2.83 18.58 37.98
CA PRO A 109 2.30 19.88 37.48
C PRO A 109 2.23 21.03 38.51
N LEU A 110 2.49 20.72 39.77
CA LEU A 110 2.63 21.71 40.82
C LEU A 110 3.98 22.42 40.74
N LYS A 111 5.00 21.71 40.24
CA LYS A 111 6.36 22.23 40.21
C LYS A 111 6.84 22.69 38.83
N THR A 112 6.28 22.13 37.76
CA THR A 112 6.86 22.39 36.43
C THR A 112 6.73 23.85 35.99
N THR A 113 7.83 24.40 35.45
CA THR A 113 7.90 25.80 34.98
C THR A 113 8.04 25.98 33.49
N SER A 114 7.44 27.07 33.04
CA SER A 114 7.58 27.56 31.68
C SER A 114 8.69 28.61 31.52
N TRP A 115 9.51 28.81 32.54
CA TRP A 115 10.59 29.79 32.48
C TRP A 115 11.36 29.68 31.18
N GLY A 116 11.81 28.47 30.85
CA GLY A 116 12.54 28.15 29.59
C GLY A 116 12.00 28.72 28.28
N THR A 117 10.66 28.73 28.18
CA THR A 117 9.94 29.29 27.03
C THR A 117 10.09 30.80 26.91
N GLY A 118 10.04 31.49 28.04
CA GLY A 118 10.29 32.91 28.07
C GLY A 118 11.68 33.25 27.54
N GLU A 119 12.65 32.41 27.88
CA GLU A 119 14.04 32.59 27.45
C GLU A 119 14.16 32.53 25.93
N LEU A 120 13.63 31.45 25.35
CA LEU A 120 13.53 31.26 23.91
C LEU A 120 12.95 32.54 23.28
N ILE A 121 11.83 33.02 23.80
CA ILE A 121 11.19 34.23 23.28
C ILE A 121 12.10 35.45 23.42
N ARG A 122 12.84 35.54 24.53
CA ARG A 122 13.76 36.65 24.74
C ARG A 122 14.87 36.62 23.70
N HIS A 123 15.42 35.43 23.41
CA HIS A 123 16.50 35.26 22.43
C HIS A 123 16.05 35.59 21.02
N ALA A 124 14.81 35.24 20.70
CA ALA A 124 14.22 35.59 19.41
C ALA A 124 14.04 37.13 19.32
N LEU A 125 13.57 37.76 20.40
CA LEU A 125 13.43 39.21 20.43
C LEU A 125 14.83 39.83 20.24
N ASP A 126 15.84 39.15 20.82
CA ASP A 126 17.27 39.55 20.78
C ASP A 126 17.85 39.59 19.36
N ALA A 127 17.28 38.83 18.44
CA ALA A 127 17.70 38.84 17.03
C ALA A 127 16.87 39.82 16.17
N GLY A 128 16.15 40.73 16.84
CA GLY A 128 15.34 41.76 16.17
C GLY A 128 14.25 41.27 15.24
N VAL A 129 13.75 40.05 15.46
CA VAL A 129 12.65 39.53 14.67
C VAL A 129 11.43 40.43 14.89
N GLU A 130 10.58 40.56 13.88
CA GLU A 130 9.34 41.34 14.00
C GLU A 130 8.14 40.44 14.27
N HIS A 131 8.35 39.14 14.07
CA HIS A 131 7.27 38.19 14.01
C HIS A 131 7.76 36.92 14.70
N ILE A 132 6.93 36.41 15.60
CA ILE A 132 7.20 35.15 16.30
C ILE A 132 6.02 34.20 16.09
N ILE A 133 6.34 32.97 15.69
CA ILE A 133 5.33 31.92 15.62
C ILE A 133 5.68 30.97 16.72
N ILE A 134 4.72 30.70 17.60
CA ILE A 134 4.96 29.79 18.72
C ILE A 134 3.93 28.69 18.71
N GLY A 135 4.39 27.46 18.87
CA GLY A 135 3.55 26.31 19.05
C GLY A 135 3.68 25.90 20.50
N ILE A 136 2.58 25.44 21.09
CA ILE A 136 2.55 25.23 22.54
C ILE A 136 2.02 23.88 22.89
N GLY A 137 2.18 22.94 21.95
CA GLY A 137 1.85 21.55 22.17
C GLY A 137 2.88 20.88 23.05
N GLY A 138 2.45 19.82 23.74
CA GLY A 138 3.33 18.94 24.53
C GLY A 138 3.94 19.56 25.79
N SER A 139 3.15 20.38 26.49
CA SER A 139 3.61 21.07 27.66
C SER A 139 3.64 20.14 28.85
N ALA A 140 4.62 20.36 29.70
CA ALA A 140 4.74 19.65 30.97
C ALA A 140 4.11 20.48 32.09
N THR A 141 3.77 21.73 31.77
CA THR A 141 3.49 22.78 32.73
C THR A 141 2.01 23.05 32.94
N ASN A 142 1.67 23.52 34.14
CA ASN A 142 0.30 23.96 34.52
C ASN A 142 0.39 25.24 35.36
N ASP A 143 1.29 26.13 34.95
CA ASP A 143 1.66 27.34 35.72
C ASP A 143 1.14 28.64 35.09
N GLY A 144 0.21 28.54 34.14
CA GLY A 144 -0.35 29.72 33.50
C GLY A 144 0.63 30.59 32.72
N GLY A 145 1.77 30.02 32.29
CA GLY A 145 2.81 30.81 31.64
C GLY A 145 3.53 31.75 32.60
N ALA A 146 3.36 31.54 33.91
CA ALA A 146 3.91 32.40 34.94
C ALA A 146 5.47 32.40 34.96
N GLY A 147 6.10 31.23 34.84
CA GLY A 147 7.54 31.16 34.68
C GLY A 147 7.97 31.92 33.44
N MSE A 148 7.21 31.72 32.36
CA MSE A 148 7.54 32.28 31.07
C MSE A 148 7.65 33.79 31.14
O MSE A 148 8.66 34.35 30.72
CB MSE A 148 6.49 31.85 30.03
CG MSE A 148 6.73 32.39 28.61
SE MSE A 148 5.19 32.15 27.48
CE MSE A 148 4.16 33.69 28.08
N VAL A 149 6.59 34.42 31.69
CA VAL A 149 6.49 35.88 31.78
C VAL A 149 7.48 36.46 32.80
N GLN A 150 7.73 35.73 33.89
CA GLN A 150 8.78 36.10 34.86
C GLN A 150 10.15 36.11 34.17
N ALA A 151 10.38 35.17 33.26
CA ALA A 151 11.61 35.15 32.44
C ALA A 151 11.63 36.34 31.45
N LEU A 152 10.46 36.86 31.10
CA LEU A 152 10.37 38.05 30.24
C LEU A 152 10.26 39.36 31.07
N GLY A 153 10.53 39.29 32.37
CA GLY A 153 10.64 40.50 33.19
C GLY A 153 9.43 40.87 34.03
N ALA A 154 8.29 40.22 33.79
CA ALA A 154 7.10 40.43 34.63
C ALA A 154 7.43 40.01 36.05
N ARG A 155 6.99 40.84 37.00
CA ARG A 155 7.22 40.57 38.39
C ARG A 155 5.92 40.06 38.98
N LEU A 156 5.98 38.82 39.47
CA LEU A 156 4.83 38.11 39.97
C LEU A 156 5.23 37.69 41.37
N ARG A 157 4.56 38.26 42.37
CA ARG A 157 5.00 38.05 43.76
C ARG A 157 3.89 37.94 44.77
N ASP A 158 4.23 37.36 45.92
CA ASP A 158 3.28 37.11 47.00
C ASP A 158 2.96 38.37 47.83
N ALA A 159 2.46 38.19 49.05
CA ALA A 159 2.10 39.29 49.94
C ALA A 159 3.32 40.02 50.56
N GLN A 160 4.50 39.41 50.52
CA GLN A 160 5.70 40.00 51.13
C GLN A 160 6.68 40.56 50.08
N GLY A 161 6.27 40.62 48.81
CA GLY A 161 7.13 41.12 47.74
C GLY A 161 8.12 40.09 47.23
N ASN A 162 7.96 38.83 47.63
CA ASN A 162 8.87 37.77 47.22
C ASN A 162 8.37 37.20 45.89
N ASP A 163 9.29 37.01 44.95
CA ASP A 163 8.93 36.40 43.68
C ASP A 163 8.39 35.01 43.96
N ILE A 164 7.23 34.72 43.39
CA ILE A 164 6.57 33.44 43.58
C ILE A 164 7.47 32.28 43.13
N ALA A 165 7.31 31.12 43.78
CA ALA A 165 8.05 29.91 43.41
C ALA A 165 7.69 29.38 42.01
N GLN A 166 8.52 28.47 41.48
CA GLN A 166 8.29 27.76 40.21
C GLN A 166 7.03 26.91 40.28
N GLY A 167 6.33 26.86 39.15
CA GLY A 167 5.16 26.01 38.99
C GLY A 167 3.85 26.62 39.46
N GLY A 168 2.75 25.99 39.09
CA GLY A 168 1.40 26.44 39.54
C GLY A 168 1.18 26.55 41.05
N ILE A 169 2.03 25.87 41.82
CA ILE A 169 2.01 25.97 43.28
C ILE A 169 2.45 27.39 43.71
N GLY A 170 3.38 27.99 42.96
CA GLY A 170 3.74 29.40 43.12
C GLY A 170 2.57 30.34 42.94
N LEU A 171 1.59 29.92 42.14
CA LEU A 171 0.39 30.73 41.86
C LEU A 171 -0.59 30.83 43.04
N GLU A 172 -0.49 29.93 44.02
CA GLU A 172 -1.40 29.93 45.16
C GLU A 172 -1.10 31.12 46.04
N THR A 173 0.13 31.62 45.96
CA THR A 173 0.56 32.76 46.76
C THR A 173 0.58 34.07 45.97
N LEU A 174 0.32 34.01 44.66
CA LEU A 174 0.42 35.21 43.81
C LEU A 174 -0.50 36.30 44.36
N ALA A 175 0.06 37.49 44.56
CA ALA A 175 -0.66 38.61 45.18
C ALA A 175 -0.67 39.87 44.29
N SER A 176 0.27 39.96 43.35
CA SER A 176 0.38 41.13 42.49
C SER A 176 1.17 40.82 41.22
N ILE A 177 0.70 41.36 40.09
CA ILE A 177 1.43 41.30 38.84
C ILE A 177 1.93 42.70 38.47
N ASP A 178 3.21 42.81 38.16
CA ASP A 178 3.81 44.06 37.69
C ASP A 178 4.50 43.83 36.36
N ILE A 179 3.90 44.36 35.28
CA ILE A 179 4.50 44.32 33.96
C ILE A 179 5.38 45.56 33.64
N SER A 180 6.01 46.14 34.65
CA SER A 180 6.91 47.30 34.47
C SER A 180 8.29 46.91 33.95
N GLY A 181 8.77 45.73 34.35
CA GLY A 181 10.02 45.19 33.82
C GLY A 181 9.79 44.38 32.56
N LEU A 182 8.53 44.24 32.15
CA LEU A 182 8.17 43.34 31.05
C LEU A 182 8.78 43.81 29.74
N ASP A 183 9.54 42.93 29.09
CA ASP A 183 10.30 43.30 27.89
C ASP A 183 9.44 44.17 26.96
N LYS A 184 9.90 45.41 26.73
CA LYS A 184 9.09 46.37 25.94
C LYS A 184 8.94 45.98 24.45
N ARG A 185 9.69 44.98 24.00
CA ARG A 185 9.71 44.61 22.59
C ARG A 185 8.55 43.72 22.15
N LEU A 186 7.71 43.30 23.12
CA LEU A 186 6.62 42.36 22.91
C LEU A 186 5.40 42.93 22.15
N SER A 187 4.91 44.07 22.63
CA SER A 187 3.77 44.75 22.02
C SER A 187 4.09 45.13 20.57
N ALA A 188 5.30 45.66 20.36
CA ALA A 188 5.89 45.83 19.03
C ALA A 188 5.83 44.54 18.17
N CYS A 189 6.12 43.40 18.79
CA CYS A 189 6.26 42.16 18.02
C CYS A 189 4.91 41.59 17.59
N HIS A 190 4.85 41.08 16.37
CA HIS A 190 3.67 40.37 15.90
C HIS A 190 3.86 38.91 16.34
N ILE A 191 3.16 38.49 17.39
CA ILE A 191 3.35 37.16 17.94
C ILE A 191 2.07 36.37 17.72
N GLU A 192 2.22 35.23 17.04
CA GLU A 192 1.11 34.36 16.74
C GLU A 192 1.36 33.00 17.37
N VAL A 193 0.33 32.48 18.03
CA VAL A 193 0.41 31.27 18.81
C VAL A 193 -0.51 30.25 18.20
N ALA A 194 0.08 29.11 17.81
CA ALA A 194 -0.70 28.00 17.27
C ALA A 194 -1.59 27.49 18.40
N CYS A 195 -2.87 27.71 18.23
CA CYS A 195 -3.85 27.30 19.22
C CYS A 195 -5.02 26.68 18.49
N ASP A 196 -5.23 25.40 18.73
CA ASP A 196 -6.24 24.66 18.03
C ASP A 196 -7.26 24.00 19.01
N VAL A 197 -7.27 24.41 20.27
CA VAL A 197 -8.31 23.94 21.19
C VAL A 197 -9.03 25.15 21.68
N THR A 198 -10.30 24.99 22.05
CA THR A 198 -11.13 26.11 22.49
C THR A 198 -11.11 26.27 24.02
N ASN A 199 -10.44 25.37 24.72
CA ASN A 199 -10.54 25.31 26.19
C ASN A 199 -10.05 26.60 26.86
N PRO A 200 -10.78 27.07 27.88
CA PRO A 200 -10.37 28.27 28.59
C PRO A 200 -9.45 27.96 29.77
N LEU A 201 -9.08 28.99 30.51
CA LEU A 201 -8.13 28.86 31.60
C LEU A 201 -8.63 27.90 32.70
N THR A 202 -9.89 28.09 33.09
CA THR A 202 -10.44 27.46 34.30
C THR A 202 -11.79 26.80 34.05
N GLY A 203 -12.19 25.94 34.97
CA GLY A 203 -13.52 25.29 34.96
C GLY A 203 -13.51 23.81 34.59
N LYS A 204 -14.70 23.24 34.51
CA LYS A 204 -14.93 21.86 34.04
C LYS A 204 -14.16 21.46 32.77
N GLU A 205 -14.00 22.39 31.82
CA GLU A 205 -13.22 22.14 30.60
C GLU A 205 -11.95 22.99 30.54
N GLY A 206 -11.51 23.53 31.68
CA GLY A 206 -10.25 24.25 31.78
C GLY A 206 -8.98 23.41 31.69
N ALA A 207 -7.85 24.13 31.64
CA ALA A 207 -6.48 23.58 31.53
C ALA A 207 -6.20 22.41 32.43
N SER A 208 -6.41 22.64 33.72
CA SER A 208 -6.10 21.68 34.77
C SER A 208 -7.01 20.45 34.68
N ALA A 209 -8.32 20.65 34.66
CA ALA A 209 -9.27 19.53 34.50
C ALA A 209 -9.04 18.70 33.23
N VAL A 210 -8.82 19.37 32.09
CA VAL A 210 -8.75 18.67 30.79
C VAL A 210 -7.37 18.16 30.40
N PHE A 211 -6.33 18.95 30.66
CA PHE A 211 -4.96 18.59 30.25
C PHE A 211 -4.03 18.23 31.41
N GLY A 212 -4.39 18.65 32.63
CA GLY A 212 -3.69 18.23 33.85
C GLY A 212 -3.34 16.74 33.93
N PRO A 213 -4.34 15.85 33.87
CA PRO A 213 -4.15 14.39 34.08
C PRO A 213 -2.97 13.77 33.32
N GLN A 214 -2.82 14.13 32.06
CA GLN A 214 -1.71 13.63 31.22
C GLN A 214 -0.34 14.18 31.67
N LYS A 215 -0.36 15.34 32.32
CA LYS A 215 0.84 15.97 32.88
C LYS A 215 1.13 15.49 34.31
N GLY A 216 0.43 14.46 34.75
CA GLY A 216 0.60 13.92 36.08
C GLY A 216 -0.31 14.54 37.11
N ALA A 217 -1.29 15.35 36.70
CA ALA A 217 -2.18 15.94 37.70
C ALA A 217 -3.11 14.89 38.28
N THR A 218 -3.02 14.69 39.60
CA THR A 218 -4.04 13.97 40.37
C THR A 218 -5.31 14.82 40.52
N PRO A 219 -6.46 14.18 40.86
CA PRO A 219 -7.70 14.96 41.03
C PRO A 219 -7.57 16.03 42.11
N GLU A 220 -6.78 15.72 43.13
CA GLU A 220 -6.56 16.62 44.23
C GLU A 220 -5.69 17.78 43.74
N MSE A 221 -4.67 17.46 42.96
CA MSE A 221 -3.86 18.46 42.27
C MSE A 221 -4.66 19.37 41.35
O MSE A 221 -4.45 20.57 41.32
CB MSE A 221 -2.77 17.80 41.43
CG MSE A 221 -1.37 17.98 41.97
SE MSE A 221 -0.25 16.56 41.29
CE MSE A 221 1.40 16.95 42.25
N ILE A 222 -5.56 18.76 40.58
CA ILE A 222 -6.37 19.50 39.60
C ILE A 222 -7.16 20.62 40.29
N GLU A 223 -7.71 20.33 41.47
CA GLU A 223 -8.49 21.27 42.32
C GLU A 223 -7.64 22.44 42.85
N ARG A 224 -6.44 22.14 43.32
CA ARG A 224 -5.46 23.18 43.70
C ARG A 224 -5.12 24.11 42.53
N LEU A 225 -4.71 23.50 41.41
CA LEU A 225 -4.28 24.29 40.26
C LEU A 225 -5.42 25.15 39.71
N ASP A 226 -6.63 24.58 39.66
CA ASP A 226 -7.77 25.31 39.10
C ASP A 226 -8.13 26.51 39.97
N THR A 227 -8.15 26.33 41.28
CA THR A 227 -8.29 27.46 42.20
C THR A 227 -7.16 28.47 41.92
N ALA A 228 -5.90 28.04 41.88
CA ALA A 228 -4.78 28.98 41.69
C ALA A 228 -4.77 29.73 40.35
N LEU A 229 -5.27 29.08 39.29
CA LEU A 229 -5.40 29.69 37.96
C LEU A 229 -6.61 30.62 37.89
N THR A 230 -7.66 30.27 38.64
CA THR A 230 -8.86 31.13 38.77
C THR A 230 -8.46 32.47 39.36
N ARG A 231 -7.62 32.42 40.40
CA ARG A 231 -7.00 33.60 41.03
C ARG A 231 -6.13 34.43 40.13
N TYR A 232 -5.17 33.75 39.51
CA TYR A 232 -4.31 34.29 38.48
C TYR A 232 -5.12 35.08 37.45
N ALA A 233 -6.22 34.45 36.99
CA ALA A 233 -7.18 35.01 36.03
C ALA A 233 -7.80 36.29 36.56
N HIS A 234 -8.22 36.30 37.83
CA HIS A 234 -8.81 37.49 38.48
C HIS A 234 -7.77 38.61 38.63
N LEU A 235 -6.54 38.24 38.99
CA LEU A 235 -5.46 39.21 39.15
C LEU A 235 -5.03 39.78 37.80
N ILE A 236 -5.13 38.97 36.75
CA ILE A 236 -4.83 39.45 35.41
C ILE A 236 -5.83 40.51 34.97
N ALA A 237 -7.11 40.24 35.23
CA ALA A 237 -8.20 41.23 34.99
C ALA A 237 -8.05 42.50 35.82
N ARG A 238 -7.52 42.38 37.03
CA ARG A 238 -7.42 43.52 37.96
C ARG A 238 -6.19 44.37 37.63
N ASP A 239 -5.09 43.71 37.25
CA ASP A 239 -3.80 44.38 37.11
C ASP A 239 -3.40 44.64 35.65
N LEU A 240 -3.99 43.88 34.72
CA LEU A 240 -3.75 44.10 33.31
C LEU A 240 -5.01 44.52 32.53
N HIS A 241 -6.15 44.56 33.22
CA HIS A 241 -7.44 44.99 32.66
C HIS A 241 -7.86 44.18 31.43
N VAL A 242 -7.52 42.88 31.45
CA VAL A 242 -7.82 41.96 30.36
C VAL A 242 -8.60 40.77 30.89
N ASP A 243 -9.77 40.50 30.29
CA ASP A 243 -10.54 39.28 30.54
C ASP A 243 -9.89 38.09 29.83
N VAL A 244 -9.06 37.34 30.57
CA VAL A 244 -8.57 36.01 30.12
C VAL A 244 -9.48 34.86 30.59
N LEU A 245 -10.39 35.21 31.47
CA LEU A 245 -11.28 34.26 32.10
C LEU A 245 -12.25 33.73 31.01
N ASP A 246 -12.45 34.52 29.96
CA ASP A 246 -13.36 34.17 28.85
C ASP A 246 -12.69 33.78 27.56
N LEU A 247 -11.37 33.68 27.55
CA LEU A 247 -10.63 33.31 26.33
C LEU A 247 -10.84 31.88 25.91
N ALA A 248 -11.37 31.70 24.70
CA ALA A 248 -11.28 30.41 24.04
C ALA A 248 -9.80 30.19 23.76
N GLY A 249 -9.29 29.04 24.20
CA GLY A 249 -7.89 28.68 24.03
C GLY A 249 -6.94 29.17 25.13
N GLY A 250 -7.42 29.97 26.08
CA GLY A 250 -6.59 30.44 27.19
C GLY A 250 -5.98 29.29 28.02
N GLY A 251 -6.68 28.17 28.08
CA GLY A 251 -6.21 26.99 28.80
C GLY A 251 -5.14 26.19 28.10
N ALA A 252 -4.85 26.54 26.84
CA ALA A 252 -3.81 25.92 26.05
C ALA A 252 -2.46 25.93 26.78
N ALA A 253 -1.72 24.85 26.73
CA ALA A 253 -0.41 24.79 27.40
C ALA A 253 -0.44 25.21 28.89
N GLY A 254 -1.34 24.62 29.68
CA GLY A 254 -1.44 24.89 31.12
C GLY A 254 -1.83 26.31 31.48
N GLY A 255 -2.38 27.05 30.52
CA GLY A 255 -2.76 28.44 30.72
C GLY A 255 -1.85 29.44 30.03
N MSE A 256 -0.81 28.92 29.37
CA MSE A 256 0.15 29.73 28.62
C MSE A 256 -0.49 30.51 27.48
O MSE A 256 -0.03 31.61 27.17
CB MSE A 256 1.29 28.82 28.03
CG MSE A 256 2.24 29.53 27.05
SE MSE A 256 3.80 28.48 26.48
CE MSE A 256 4.57 28.34 28.27
N GLY A 257 -1.51 29.95 26.84
CA GLY A 257 -2.26 30.67 25.82
C GLY A 257 -2.78 32.01 26.35
N ALA A 258 -3.43 31.97 27.51
CA ALA A 258 -3.94 33.18 28.16
C ALA A 258 -2.81 34.17 28.51
N ALA A 259 -1.65 33.70 29.02
CA ALA A 259 -0.51 34.59 29.34
C ALA A 259 0.12 35.24 28.10
N LEU A 260 0.12 34.54 26.97
CA LEU A 260 0.61 35.10 25.72
C LEU A 260 -0.38 36.14 25.15
N TYR A 261 -1.67 35.85 25.29
CA TYR A 261 -2.72 36.81 24.98
C TYR A 261 -2.59 38.06 25.90
N ALA A 262 -2.61 37.83 27.21
CA ALA A 262 -2.67 38.92 28.18
C ALA A 262 -1.38 39.73 28.30
N PHE A 263 -0.27 39.06 28.56
CA PHE A 263 1.00 39.77 28.79
C PHE A 263 1.63 40.21 27.47
N CYS A 264 1.58 39.33 26.47
CA CYS A 264 2.43 39.50 25.30
C CYS A 264 1.77 40.20 24.13
N GLY A 265 0.43 40.20 24.10
CA GLY A 265 -0.34 40.80 23.01
C GLY A 265 -0.45 39.89 21.79
N ALA A 266 -0.26 38.60 22.03
CA ALA A 266 -0.25 37.57 20.99
C ALA A 266 -1.65 37.32 20.46
N GLN A 267 -1.71 36.85 19.22
CA GLN A 267 -2.93 36.37 18.60
C GLN A 267 -2.97 34.84 18.69
N LEU A 268 -4.07 34.28 19.20
CA LEU A 268 -4.29 32.85 19.14
C LEU A 268 -4.96 32.50 17.80
N ARG A 269 -4.27 31.74 16.95
CA ARG A 269 -4.82 31.31 15.66
C ARG A 269 -4.59 29.81 15.45
N ARG A 270 -5.40 29.20 14.60
CA ARG A 270 -5.20 27.80 14.23
C ARG A 270 -3.83 27.66 13.63
N GLY A 271 -3.09 26.64 14.03
CA GLY A 271 -1.70 26.45 13.59
C GLY A 271 -1.53 26.44 12.08
N ILE A 272 -2.38 25.65 11.41
CA ILE A 272 -2.41 25.58 9.95
C ILE A 272 -2.64 26.96 9.29
N GLU A 273 -3.43 27.82 9.90
CA GLU A 273 -3.72 29.17 9.38
C GLU A 273 -2.56 30.15 9.55
N ILE A 274 -1.77 29.97 10.61
CA ILE A 274 -0.53 30.74 10.78
C ILE A 274 0.49 30.33 9.70
N VAL A 275 0.66 29.01 9.52
CA VAL A 275 1.67 28.45 8.61
C VAL A 275 1.34 28.81 7.15
N THR A 276 0.05 28.73 6.81
CA THR A 276 -0.52 29.17 5.51
C THR A 276 -0.05 30.55 5.09
N ASP A 277 -0.37 31.52 5.93
CA ASP A 277 -0.02 32.93 5.73
C ASP A 277 1.48 33.16 5.68
N ALA A 278 2.20 32.56 6.62
CA ALA A 278 3.66 32.69 6.72
C ALA A 278 4.42 32.29 5.45
N LEU A 279 3.91 31.29 4.74
CA LEU A 279 4.56 30.77 3.54
C LEU A 279 3.83 31.17 2.25
N HIS A 280 2.83 32.04 2.40
CA HIS A 280 2.07 32.54 1.26
C HIS A 280 1.56 31.38 0.42
N LEU A 281 1.01 30.38 1.11
CA LEU A 281 0.59 29.14 0.49
C LEU A 281 -0.44 29.42 -0.58
N GLU A 282 -1.26 30.43 -0.33
CA GLU A 282 -2.34 30.78 -1.25
C GLU A 282 -1.88 31.36 -2.58
N ALA A 283 -0.79 32.13 -2.56
CA ALA A 283 -0.16 32.62 -3.78
C ALA A 283 0.57 31.50 -4.52
N CYS A 284 1.37 30.67 -3.83
CA CYS A 284 1.99 29.49 -4.49
C CYS A 284 0.98 28.66 -5.22
N LEU A 285 -0.15 28.43 -4.57
CA LEU A 285 -1.14 27.48 -5.05
C LEU A 285 -1.99 28.02 -6.18
N ALA A 286 -2.23 29.34 -6.14
CA ALA A 286 -3.06 30.03 -7.11
C ALA A 286 -2.40 29.96 -8.46
N ASP A 287 -1.07 29.94 -8.44
CA ASP A 287 -0.20 29.90 -9.61
C ASP A 287 0.11 28.48 -10.11
N ALA A 288 -0.13 27.46 -9.29
CA ALA A 288 0.17 26.07 -9.61
C ALA A 288 -0.73 25.47 -10.68
N ASP A 289 -0.24 24.49 -11.41
CA ASP A 289 -1.09 23.60 -12.19
C ASP A 289 -1.58 22.37 -11.40
N LEU A 290 -0.84 21.97 -10.39
CA LEU A 290 -1.00 20.64 -9.80
C LEU A 290 -0.43 20.72 -8.40
N VAL A 291 -1.22 20.27 -7.41
CA VAL A 291 -0.79 20.22 -6.01
C VAL A 291 -0.74 18.76 -5.50
N ILE A 292 0.40 18.43 -4.94
CA ILE A 292 0.58 17.17 -4.27
C ILE A 292 0.84 17.45 -2.79
N THR A 293 0.14 16.72 -1.93
CA THR A 293 0.29 16.80 -0.47
C THR A 293 0.32 15.39 0.20
N GLY A 294 0.24 15.35 1.52
CA GLY A 294 0.28 14.09 2.25
C GLY A 294 0.60 14.25 3.69
N GLU A 295 0.58 13.12 4.37
CA GLU A 295 0.98 13.05 5.77
C GLU A 295 1.16 11.59 6.18
N GLY A 296 1.81 11.37 7.29
CA GLY A 296 1.88 10.02 7.83
C GLY A 296 1.47 10.00 9.28
N ARG A 297 0.67 8.97 9.60
CA ARG A 297 0.18 8.77 10.94
C ARG A 297 0.39 7.33 11.41
N ILE A 298 0.71 7.22 12.69
CA ILE A 298 0.85 5.94 13.34
C ILE A 298 -0.45 5.57 14.07
N ASP A 299 -1.42 6.49 14.10
CA ASP A 299 -2.63 6.31 14.93
C ASP A 299 -3.93 6.06 14.15
N SER A 300 -4.81 5.25 14.78
CA SER A 300 -6.21 5.06 14.39
C SER A 300 -6.59 5.62 13.01
N GLY A 305 -5.27 14.98 10.30
CA GLY A 305 -4.77 15.48 9.02
C GLY A 305 -5.11 16.92 8.64
N LYS A 306 -4.74 17.87 9.48
CA LYS A 306 -4.98 19.29 9.20
C LYS A 306 -4.24 19.82 7.97
N VAL A 307 -3.08 19.25 7.67
CA VAL A 307 -2.23 19.79 6.60
C VAL A 307 -2.80 19.51 5.22
N PRO A 308 -2.97 18.24 4.85
CA PRO A 308 -3.60 17.95 3.53
C PRO A 308 -4.96 18.59 3.26
N ILE A 309 -5.80 18.71 4.28
CA ILE A 309 -7.09 19.29 4.11
C ILE A 309 -6.95 20.79 3.98
N GLY A 310 -6.08 21.39 4.80
CA GLY A 310 -5.75 22.82 4.69
C GLY A 310 -5.27 23.16 3.28
N VAL A 311 -4.39 22.34 2.73
CA VAL A 311 -3.87 22.56 1.39
C VAL A 311 -4.94 22.38 0.36
N ALA A 312 -5.67 21.25 0.40
CA ALA A 312 -6.68 20.98 -0.60
C ALA A 312 -7.77 22.07 -0.62
N ASN A 313 -8.09 22.61 0.56
CA ASN A 313 -9.12 23.67 0.69
C ASN A 313 -8.74 24.94 -0.10
N ILE A 314 -7.51 25.40 0.07
CA ILE A 314 -6.95 26.51 -0.72
C ILE A 314 -7.00 26.15 -2.21
N ALA A 315 -6.32 25.08 -2.58
CA ALA A 315 -6.28 24.56 -3.96
C ALA A 315 -7.60 24.51 -4.71
N LYS A 316 -8.63 23.95 -4.07
CA LYS A 316 -9.93 23.81 -4.71
C LYS A 316 -10.60 25.17 -4.97
N ARG A 317 -10.34 26.12 -4.07
CA ARG A 317 -10.64 27.55 -4.28
C ARG A 317 -10.13 28.08 -5.63
N TYR A 318 -8.97 27.60 -6.07
CA TYR A 318 -8.43 27.95 -7.39
C TYR A 318 -8.60 26.90 -8.45
N ASN A 319 -9.48 25.94 -8.17
CA ASN A 319 -9.79 24.82 -9.05
C ASN A 319 -8.57 24.04 -9.51
N LYS A 320 -7.65 23.81 -8.59
CA LYS A 320 -6.43 23.04 -8.87
C LYS A 320 -6.58 21.56 -8.43
N PRO A 321 -6.13 20.64 -9.30
CA PRO A 321 -6.11 19.23 -8.92
C PRO A 321 -5.15 19.05 -7.76
N VAL A 322 -5.62 18.32 -6.73
CA VAL A 322 -4.82 17.96 -5.55
C VAL A 322 -4.89 16.42 -5.26
N ILE A 323 -3.70 15.83 -5.18
CA ILE A 323 -3.51 14.42 -4.89
C ILE A 323 -2.69 14.27 -3.59
N GLY A 324 -3.13 13.38 -2.73
CA GLY A 324 -2.41 13.08 -1.51
C GLY A 324 -1.68 11.74 -1.56
N ILE A 325 -0.53 11.68 -0.91
CA ILE A 325 0.23 10.46 -0.76
C ILE A 325 0.41 10.21 0.76
N ALA A 326 -0.36 9.25 1.27
CA ALA A 326 -0.58 9.13 2.72
C ALA A 326 0.13 7.92 3.30
N GLY A 327 0.98 8.14 4.29
CA GLY A 327 1.70 7.10 4.99
C GLY A 327 0.94 6.57 6.18
N SER A 328 1.15 5.30 6.50
CA SER A 328 0.59 4.67 7.66
C SER A 328 1.35 3.38 7.98
N LEU A 329 1.11 2.80 9.16
CA LEU A 329 1.75 1.54 9.54
C LEU A 329 0.98 0.31 9.02
N THR A 330 -0.32 0.42 8.78
CA THR A 330 -1.16 -0.74 8.39
C THR A 330 -2.22 -0.39 7.34
N HIS A 339 -10.80 14.98 2.23
CA HIS A 339 -12.08 15.57 1.89
C HIS A 339 -11.97 16.33 0.56
N GLY A 340 -11.09 17.33 0.50
CA GLY A 340 -10.90 18.13 -0.71
C GLY A 340 -9.93 17.52 -1.70
N LEU A 341 -9.48 16.30 -1.44
CA LEU A 341 -8.52 15.68 -2.32
C LEU A 341 -9.14 15.02 -3.54
N ASP A 342 -8.66 15.32 -4.73
CA ASP A 342 -9.09 14.59 -5.93
C ASP A 342 -8.80 13.08 -5.79
N ALA A 343 -7.69 12.70 -5.16
CA ALA A 343 -7.33 11.29 -5.07
C ALA A 343 -6.31 11.17 -4.02
N VAL A 344 -6.30 10.02 -3.34
CA VAL A 344 -5.33 9.77 -2.37
C VAL A 344 -4.80 8.32 -2.51
N PHE A 345 -3.50 8.16 -2.35
CA PHE A 345 -2.85 6.85 -2.43
C PHE A 345 -2.07 6.58 -1.16
N SER A 346 -2.06 5.33 -0.73
CA SER A 346 -1.41 5.00 0.54
C SER A 346 -0.06 4.31 0.40
N VAL A 347 0.83 4.62 1.36
CA VAL A 347 2.17 4.05 1.45
C VAL A 347 2.26 3.44 2.85
N ILE A 348 2.75 2.21 2.99
CA ILE A 348 3.04 1.65 4.32
C ILE A 348 4.49 1.97 4.67
N TYR A 349 4.71 2.39 5.92
CA TYR A 349 6.05 2.55 6.48
C TYR A 349 6.11 1.89 7.85
N THR A 350 7.32 1.83 8.40
CA THR A 350 7.55 1.40 9.79
C THR A 350 8.27 2.54 10.55
N ILE A 351 8.22 2.49 11.88
CA ILE A 351 9.02 3.39 12.70
C ILE A 351 10.52 3.25 12.40
N CYS A 352 11.22 4.38 12.49
CA CYS A 352 12.54 4.53 11.90
C CYS A 352 13.68 4.11 12.83
N THR A 353 13.37 3.39 13.92
CA THR A 353 14.39 2.79 14.78
C THR A 353 15.09 1.58 14.11
N LEU A 354 14.37 0.92 13.19
CA LEU A 354 14.94 -0.12 12.31
C LEU A 354 15.84 0.52 11.29
N GLU A 355 16.93 -0.18 10.95
CA GLU A 355 18.06 0.32 10.17
C GLU A 355 17.68 0.95 8.81
N ASP A 356 16.86 0.24 8.05
CA ASP A 356 16.51 0.66 6.70
C ASP A 356 15.12 1.31 6.58
N ALA A 357 14.54 1.76 7.69
CA ALA A 357 13.14 2.13 7.74
C ALA A 357 12.84 3.46 7.06
N LEU A 358 13.75 4.40 7.27
CA LEU A 358 13.69 5.68 6.66
C LEU A 358 13.90 5.63 5.14
N LYS A 359 14.91 4.86 4.73
CA LYS A 359 15.26 4.61 3.34
C LYS A 359 14.06 3.94 2.59
N ASN A 360 13.48 2.91 3.20
CA ASN A 360 12.39 2.16 2.61
C ASN A 360 11.12 3.02 2.45
N ALA A 361 10.85 3.88 3.43
CA ALA A 361 9.73 4.80 3.41
C ALA A 361 9.91 5.80 2.30
N SER A 362 11.10 6.35 2.21
CA SER A 362 11.46 7.27 1.16
C SER A 362 11.31 6.66 -0.26
N GLU A 363 11.79 5.43 -0.41
CA GLU A 363 11.62 4.66 -1.64
C GLU A 363 10.18 4.36 -2.01
N ASN A 364 9.38 4.01 -1.02
CA ASN A 364 7.96 3.77 -1.22
C ASN A 364 7.16 5.01 -1.61
N VAL A 365 7.42 6.12 -0.96
CA VAL A 365 6.89 7.41 -1.40
C VAL A 365 7.31 7.78 -2.84
N ARG A 366 8.58 7.58 -3.14
CA ARG A 366 9.10 7.93 -4.43
C ARG A 366 8.37 7.13 -5.53
N MSE A 367 8.23 5.83 -5.31
CA MSE A 367 7.66 4.92 -6.29
C MSE A 367 6.19 5.18 -6.51
O MSE A 367 5.73 5.19 -7.61
CB MSE A 367 7.88 3.48 -5.86
CG MSE A 367 9.29 3.00 -6.21
SE MSE A 367 9.85 1.30 -5.39
CE MSE A 367 8.77 0.13 -6.54
N THR A 368 5.46 5.42 -5.42
CA THR A 368 4.08 5.85 -5.47
C THR A 368 3.87 7.12 -6.23
N ALA A 369 4.71 8.13 -5.98
CA ALA A 369 4.69 9.41 -6.68
C ALA A 369 4.94 9.22 -8.15
N ARG A 370 5.90 8.37 -8.49
CA ARG A 370 6.13 8.05 -9.90
C ARG A 370 4.88 7.50 -10.58
N ASN A 371 4.16 6.63 -9.89
CA ASN A 371 3.01 6.01 -10.50
C ASN A 371 1.85 6.98 -10.55
N VAL A 372 1.77 7.90 -9.58
CA VAL A 372 0.82 9.01 -9.67
C VAL A 372 1.15 9.88 -10.90
N ALA A 373 2.40 10.29 -11.05
CA ALA A 373 2.86 11.13 -12.19
C ALA A 373 2.57 10.44 -13.53
N ALA A 374 2.86 9.15 -13.62
CA ALA A 374 2.63 8.33 -14.82
C ALA A 374 1.11 8.24 -15.16
N THR A 375 0.28 8.15 -14.15
CA THR A 375 -1.15 8.10 -14.29
C THR A 375 -1.72 9.46 -14.76
N LEU A 376 -1.24 10.56 -14.15
CA LEU A 376 -1.59 11.89 -14.59
C LEU A 376 -1.24 12.10 -16.05
N LYS A 377 -0.05 11.68 -16.43
CA LYS A 377 0.38 11.70 -17.82
C LYS A 377 -0.46 10.90 -18.83
N ALA A 378 -0.73 9.63 -18.55
CA ALA A 378 -1.68 8.84 -19.34
C ALA A 378 -3.04 9.57 -19.50
N GLY A 379 -3.54 10.19 -18.43
CA GLY A 379 -4.82 10.92 -18.48
C GLY A 379 -4.75 12.12 -19.43
N GLN A 380 -3.61 12.76 -19.49
CA GLN A 380 -3.39 13.88 -20.40
C GLN A 380 -3.66 13.46 -21.82
N GLN A 381 -3.26 12.24 -22.16
CA GLN A 381 -3.36 11.78 -23.52
C GLN A 381 -4.67 11.06 -23.82
N LEU A 382 -5.51 10.89 -22.80
CA LEU A 382 -6.87 10.43 -22.98
C LEU A 382 -7.70 11.59 -23.53
N ARG A 383 -7.87 11.66 -24.85
CA ARG A 383 -8.64 12.79 -25.44
C ARG A 383 -10.14 12.47 -25.62
N ASN B 2 -18.10 7.10 -29.36
CA ASN B 2 -17.45 8.25 -28.67
C ASN B 2 -17.06 7.91 -27.21
N ALA B 3 -17.97 7.20 -26.53
CA ALA B 3 -17.79 6.86 -25.13
C ALA B 3 -16.40 6.30 -25.03
N MSE B 4 -15.76 6.61 -23.92
CA MSE B 4 -14.45 6.10 -23.65
C MSE B 4 -14.52 4.61 -23.44
O MSE B 4 -15.39 4.16 -22.67
CB MSE B 4 -13.91 6.75 -22.41
CG MSE B 4 -12.68 6.09 -21.90
SE MSE B 4 -11.82 7.21 -20.61
CE MSE B 4 -11.05 8.37 -21.98
N LYS B 5 -13.63 3.87 -24.08
CA LYS B 5 -13.59 2.40 -23.93
C LYS B 5 -12.46 1.93 -23.00
N ILE B 6 -12.84 1.25 -21.93
CA ILE B 6 -11.93 0.85 -20.88
C ILE B 6 -12.00 -0.67 -20.74
N VAL B 7 -10.90 -1.33 -21.11
CA VAL B 7 -10.80 -2.77 -21.01
C VAL B 7 -10.13 -3.11 -19.67
N ILE B 8 -10.80 -3.92 -18.89
CA ILE B 8 -10.35 -4.40 -17.58
C ILE B 8 -10.07 -5.92 -17.65
N ALA B 9 -8.79 -6.28 -17.78
CA ALA B 9 -8.30 -7.64 -18.05
C ALA B 9 -7.24 -8.04 -16.99
N PRO B 10 -7.71 -8.27 -15.75
CA PRO B 10 -6.83 -8.68 -14.69
C PRO B 10 -6.73 -10.22 -14.54
N ASP B 11 -5.71 -10.65 -13.80
CA ASP B 11 -5.64 -12.00 -13.26
C ASP B 11 -6.39 -11.99 -11.93
N SER B 12 -6.50 -13.16 -11.33
CA SER B 12 -6.98 -13.28 -9.97
C SER B 12 -5.96 -12.79 -8.92
N TYR B 13 -6.52 -12.50 -7.75
CA TYR B 13 -5.79 -12.31 -6.49
C TYR B 13 -5.80 -13.66 -5.80
N LYS B 14 -4.70 -14.40 -5.88
CA LYS B 14 -4.73 -15.80 -5.40
C LYS B 14 -5.03 -15.86 -3.90
N GLU B 15 -5.88 -16.83 -3.57
CA GLU B 15 -6.37 -17.09 -2.21
C GLU B 15 -7.40 -16.04 -1.81
N SER B 16 -7.85 -15.23 -2.75
CA SER B 16 -8.83 -14.20 -2.45
C SER B 16 -9.82 -14.03 -3.61
N LEU B 17 -9.66 -13.06 -4.50
CA LEU B 17 -10.67 -12.72 -5.51
C LEU B 17 -10.35 -13.39 -6.80
N SER B 18 -11.37 -13.91 -7.47
CA SER B 18 -11.21 -14.47 -8.80
C SER B 18 -10.95 -13.30 -9.77
N ALA B 19 -10.42 -13.59 -10.95
CA ALA B 19 -10.14 -12.58 -11.95
C ALA B 19 -11.34 -11.72 -12.18
N LEU B 20 -12.50 -12.35 -12.27
CA LEU B 20 -13.72 -11.60 -12.55
C LEU B 20 -14.20 -10.68 -11.43
N GLU B 21 -14.08 -11.16 -10.21
CA GLU B 21 -14.33 -10.35 -9.05
C GLU B 21 -13.35 -9.20 -9.00
N VAL B 22 -12.06 -9.43 -9.32
CA VAL B 22 -11.13 -8.33 -9.45
C VAL B 22 -11.57 -7.32 -10.52
N ALA B 23 -11.96 -7.77 -11.70
CA ALA B 23 -12.42 -6.87 -12.77
C ALA B 23 -13.67 -6.09 -12.37
N THR B 24 -14.54 -6.75 -11.63
CA THR B 24 -15.77 -6.14 -11.24
C THR B 24 -15.56 -5.05 -10.23
N ALA B 25 -14.68 -5.27 -9.26
CA ALA B 25 -14.31 -4.26 -8.25
C ALA B 25 -13.61 -3.03 -8.87
N ILE B 26 -12.74 -3.27 -9.86
CA ILE B 26 -12.12 -2.21 -10.64
C ILE B 26 -13.21 -1.41 -11.40
N GLU B 27 -14.11 -2.08 -12.10
CA GLU B 27 -15.16 -1.37 -12.80
C GLU B 27 -16.03 -0.52 -11.88
N GLN B 28 -16.42 -1.06 -10.72
CA GLN B 28 -17.17 -0.28 -9.71
C GLN B 28 -16.43 0.99 -9.25
N GLY B 29 -15.14 0.88 -9.00
CA GLY B 29 -14.33 2.05 -8.63
C GLY B 29 -14.27 3.10 -9.72
N PHE B 30 -14.00 2.64 -10.96
CA PHE B 30 -13.90 3.53 -12.12
C PHE B 30 -15.22 4.25 -12.40
N ARG B 31 -16.33 3.53 -12.22
CA ARG B 31 -17.67 4.08 -12.43
C ARG B 31 -18.05 5.19 -11.45
N GLU B 32 -17.41 5.20 -10.30
CA GLU B 32 -17.55 6.34 -9.39
C GLU B 32 -17.10 7.66 -10.03
N ILE B 33 -16.21 7.59 -11.01
CA ILE B 33 -15.61 8.78 -11.62
C ILE B 33 -16.13 8.93 -13.05
N TRP B 34 -16.28 7.80 -13.74
CA TRP B 34 -16.72 7.72 -15.13
C TRP B 34 -17.88 6.74 -15.26
N PRO B 35 -19.06 7.12 -14.74
CA PRO B 35 -20.20 6.24 -14.74
C PRO B 35 -20.62 5.82 -16.12
N ASP B 36 -20.36 6.64 -17.13
CA ASP B 36 -20.86 6.40 -18.49
C ASP B 36 -19.82 5.90 -19.52
N ALA B 37 -18.65 5.44 -19.07
CA ALA B 37 -17.70 4.85 -19.99
C ALA B 37 -18.19 3.48 -20.41
N ASP B 38 -17.60 2.99 -21.50
CA ASP B 38 -17.88 1.69 -22.07
C ASP B 38 -16.84 0.70 -21.53
N TYR B 39 -17.25 -0.11 -20.56
CA TYR B 39 -16.34 -1.03 -19.85
C TYR B 39 -16.46 -2.41 -20.48
N LEU B 40 -15.33 -3.02 -20.80
CA LEU B 40 -15.27 -4.40 -21.20
C LEU B 40 -14.40 -5.18 -20.20
N LYS B 41 -15.03 -6.04 -19.39
CA LYS B 41 -14.32 -6.95 -18.51
C LYS B 41 -13.92 -8.24 -19.22
N LEU B 42 -12.66 -8.62 -19.05
CA LEU B 42 -12.13 -9.84 -19.63
C LEU B 42 -11.19 -10.48 -18.62
N PRO B 43 -11.74 -11.40 -17.79
CA PRO B 43 -10.98 -12.15 -16.76
C PRO B 43 -9.98 -13.04 -17.41
N LEU B 44 -8.71 -12.83 -17.08
CA LEU B 44 -7.61 -13.58 -17.65
C LEU B 44 -7.06 -14.64 -16.64
N ALA B 45 -6.17 -15.50 -17.12
CA ALA B 45 -5.61 -16.58 -16.34
C ALA B 45 -4.29 -16.90 -17.00
N ASP B 46 -3.42 -17.63 -16.30
CA ASP B 46 -2.09 -17.95 -16.88
C ASP B 46 -1.94 -19.43 -17.25
N GLY B 47 -3.05 -20.17 -17.31
CA GLY B 47 -3.02 -21.60 -17.51
C GLY B 47 -3.05 -22.42 -16.21
N GLY B 48 -2.85 -21.76 -15.07
CA GLY B 48 -2.86 -22.40 -13.77
C GLY B 48 -4.24 -22.47 -13.18
N GLU B 49 -4.29 -22.63 -11.87
CA GLU B 49 -5.53 -22.67 -11.07
C GLU B 49 -6.42 -21.49 -11.34
N GLY B 50 -7.70 -21.76 -11.57
CA GLY B 50 -8.67 -20.75 -11.96
C GLY B 50 -8.85 -20.56 -13.46
N THR B 51 -8.00 -21.19 -14.27
CA THR B 51 -8.10 -21.03 -15.72
C THR B 51 -9.45 -21.51 -16.29
N VAL B 52 -9.93 -22.68 -15.85
CA VAL B 52 -11.18 -23.20 -16.36
C VAL B 52 -12.34 -22.22 -16.07
N GLU B 53 -12.49 -21.79 -14.81
CA GLU B 53 -13.53 -20.85 -14.43
C GLU B 53 -13.46 -19.56 -15.23
N ALA B 54 -12.26 -18.97 -15.33
CA ALA B 54 -12.01 -17.70 -16.05
C ALA B 54 -12.46 -17.81 -17.48
N MSE B 55 -12.05 -18.91 -18.13
CA MSE B 55 -12.35 -19.20 -19.54
C MSE B 55 -13.82 -19.37 -19.79
O MSE B 55 -14.34 -18.93 -20.80
CB MSE B 55 -11.65 -20.50 -19.99
CG MSE B 55 -10.13 -20.44 -20.18
SE MSE B 55 -9.72 -18.99 -21.34
CE MSE B 55 -8.73 -20.18 -22.51
N VAL B 56 -14.46 -20.10 -18.87
CA VAL B 56 -15.91 -20.36 -18.91
C VAL B 56 -16.70 -19.03 -18.75
N GLU B 57 -16.29 -18.18 -17.83
CA GLU B 57 -16.91 -16.87 -17.70
C GLU B 57 -16.75 -16.03 -18.96
N ALA B 58 -15.52 -15.89 -19.43
CA ALA B 58 -15.19 -15.13 -20.62
C ALA B 58 -15.96 -15.60 -21.84
N THR B 59 -16.20 -16.90 -21.95
CA THR B 59 -16.82 -17.45 -23.14
C THR B 59 -18.30 -17.72 -22.96
N ALA B 60 -18.91 -17.25 -21.86
CA ALA B 60 -20.31 -17.58 -21.57
C ALA B 60 -20.57 -19.10 -21.56
N GLY B 61 -19.62 -19.87 -21.01
CA GLY B 61 -19.74 -21.35 -21.05
C GLY B 61 -20.39 -21.97 -19.82
N ARG B 62 -20.08 -23.26 -19.62
CA ARG B 62 -20.54 -23.96 -18.42
C ARG B 62 -19.43 -24.89 -17.85
N ILE B 63 -19.49 -25.13 -16.55
CA ILE B 63 -18.67 -26.12 -15.89
C ILE B 63 -19.48 -27.41 -15.87
N VAL B 64 -18.88 -28.51 -16.33
CA VAL B 64 -19.48 -29.84 -16.30
C VAL B 64 -18.77 -30.69 -15.26
N HIS B 65 -19.47 -31.02 -14.18
CA HIS B 65 -18.93 -31.93 -13.17
C HIS B 65 -19.12 -33.39 -13.56
N VAL B 66 -18.12 -34.22 -13.27
CA VAL B 66 -18.09 -35.60 -13.78
C VAL B 66 -17.13 -36.44 -12.96
N GLU B 67 -17.57 -37.65 -12.67
CA GLU B 67 -16.79 -38.58 -11.88
C GLU B 67 -15.74 -39.27 -12.77
N VAL B 68 -14.51 -39.28 -12.28
CA VAL B 68 -13.40 -39.83 -13.03
C VAL B 68 -12.57 -40.62 -12.03
N THR B 69 -11.61 -41.37 -12.56
CA THR B 69 -10.52 -41.97 -11.76
C THR B 69 -9.50 -40.91 -11.31
N GLY B 70 -9.31 -40.84 -9.99
CA GLY B 70 -8.38 -39.96 -9.37
C GLY B 70 -7.00 -40.57 -9.30
N PRO B 71 -6.06 -39.86 -8.65
CA PRO B 71 -4.65 -40.22 -8.76
C PRO B 71 -4.29 -41.54 -8.12
N LEU B 72 -5.05 -41.99 -7.11
CA LEU B 72 -4.78 -43.27 -6.48
C LEU B 72 -5.69 -44.36 -6.99
N GLY B 73 -6.50 -44.04 -8.01
CA GLY B 73 -7.29 -44.99 -8.75
C GLY B 73 -8.70 -45.19 -8.23
N HIS B 74 -9.16 -44.28 -7.37
CA HIS B 74 -10.49 -44.36 -6.79
C HIS B 74 -11.35 -43.35 -7.55
N ARG B 75 -12.65 -43.39 -7.37
CA ARG B 75 -13.52 -42.44 -8.06
C ARG B 75 -13.45 -41.09 -7.32
N VAL B 76 -13.17 -40.02 -8.07
CA VAL B 76 -13.22 -38.64 -7.58
C VAL B 76 -14.18 -37.77 -8.43
N ASN B 77 -14.76 -36.72 -7.85
CA ASN B 77 -15.51 -35.77 -8.66
C ASN B 77 -14.57 -34.71 -9.23
N ALA B 78 -14.60 -34.58 -10.55
CA ALA B 78 -13.75 -33.69 -11.30
C ALA B 78 -14.68 -32.76 -12.08
N PHE B 79 -14.09 -31.91 -12.91
CA PHE B 79 -14.83 -30.99 -13.73
C PHE B 79 -13.99 -30.60 -14.91
N TYR B 80 -14.66 -30.23 -16.00
CA TYR B 80 -14.07 -29.54 -17.13
C TYR B 80 -15.00 -28.38 -17.48
N GLY B 81 -14.50 -27.45 -18.28
CA GLY B 81 -15.30 -26.33 -18.76
C GLY B 81 -15.52 -26.49 -20.25
N LEU B 82 -16.68 -26.01 -20.71
CA LEU B 82 -17.01 -25.88 -22.13
C LEU B 82 -17.34 -24.45 -22.48
N SER B 83 -16.91 -23.98 -23.65
CA SER B 83 -17.25 -22.61 -24.08
C SER B 83 -18.73 -22.43 -24.35
N GLY B 84 -19.18 -21.18 -24.39
CA GLY B 84 -20.57 -20.88 -24.76
C GLY B 84 -20.93 -21.51 -26.10
N ASP B 85 -20.11 -21.29 -27.12
CA ASP B 85 -20.38 -21.87 -28.46
C ASP B 85 -20.21 -23.39 -28.57
N ALA B 86 -19.72 -24.03 -27.51
CA ALA B 86 -19.48 -25.49 -27.50
C ALA B 86 -18.29 -25.99 -28.34
N ARG B 87 -17.46 -25.08 -28.80
CA ARG B 87 -16.42 -25.44 -29.75
C ARG B 87 -15.09 -25.65 -29.01
N SER B 88 -15.06 -25.28 -27.73
CA SER B 88 -13.85 -25.35 -26.91
C SER B 88 -14.10 -25.95 -25.53
N ALA B 89 -13.14 -26.77 -25.07
CA ALA B 89 -13.14 -27.33 -23.72
C ALA B 89 -11.91 -26.83 -22.98
N PHE B 90 -12.09 -26.63 -21.68
CA PHE B 90 -11.03 -26.11 -20.81
C PHE B 90 -10.80 -27.13 -19.67
N ILE B 91 -9.54 -27.58 -19.50
CA ILE B 91 -9.22 -28.67 -18.58
C ILE B 91 -8.01 -28.26 -17.76
N GLU B 92 -8.13 -28.38 -16.44
CA GLU B 92 -7.02 -28.39 -15.50
C GLU B 92 -6.88 -29.85 -15.06
N MSE B 93 -5.74 -30.49 -15.36
CA MSE B 93 -5.58 -31.90 -15.05
C MSE B 93 -5.69 -32.18 -13.55
O MSE B 93 -6.05 -33.30 -13.15
CB MSE B 93 -4.23 -32.46 -15.59
CG MSE B 93 -2.99 -32.00 -14.95
SE MSE B 93 -2.45 -32.98 -13.35
CE MSE B 93 -1.75 -34.64 -14.18
N ALA B 94 -5.33 -31.19 -12.76
CA ALA B 94 -5.29 -31.29 -11.32
C ALA B 94 -6.65 -31.66 -10.72
N ALA B 95 -7.74 -31.29 -11.37
CA ALA B 95 -9.09 -31.76 -10.99
C ALA B 95 -9.23 -33.31 -10.93
N ALA B 96 -8.62 -34.00 -11.88
CA ALA B 96 -8.64 -35.47 -11.93
C ALA B 96 -7.42 -36.07 -11.23
N SER B 97 -6.24 -35.46 -11.41
CA SER B 97 -4.98 -36.13 -11.13
C SER B 97 -3.99 -35.30 -10.30
N GLY B 98 -4.51 -34.39 -9.48
CA GLY B 98 -3.67 -33.41 -8.79
C GLY B 98 -3.27 -33.82 -7.38
N LEU B 99 -2.17 -33.23 -6.93
CA LEU B 99 -1.64 -33.43 -5.57
C LEU B 99 -2.69 -33.27 -4.47
N GLU B 100 -3.62 -32.34 -4.64
CA GLU B 100 -4.60 -32.08 -3.60
C GLU B 100 -5.78 -33.04 -3.59
N GLN B 101 -5.86 -33.92 -4.60
CA GLN B 101 -6.77 -35.08 -4.55
C GLN B 101 -6.15 -36.28 -3.74
N VAL B 102 -5.00 -36.03 -3.08
CA VAL B 102 -4.22 -37.07 -2.37
C VAL B 102 -3.85 -36.67 -0.92
N PRO B 103 -4.54 -37.27 0.08
CA PRO B 103 -4.25 -36.93 1.49
C PRO B 103 -2.77 -37.17 1.83
N PRO B 104 -2.14 -36.27 2.61
CA PRO B 104 -0.66 -36.30 2.82
C PRO B 104 -0.04 -37.71 3.11
N ALA B 105 -0.72 -38.50 3.94
CA ALA B 105 -0.22 -39.81 4.27
C ALA B 105 -0.62 -40.82 3.19
N GLN B 106 -0.65 -40.40 1.91
CA GLN B 106 -0.87 -41.33 0.81
C GLN B 106 -0.17 -40.97 -0.51
N ARG B 107 0.88 -40.15 -0.50
CA ARG B 107 1.56 -39.80 -1.76
C ARG B 107 2.68 -40.77 -2.21
N ASP B 108 2.36 -41.56 -3.23
CA ASP B 108 3.31 -42.45 -3.81
C ASP B 108 3.38 -42.18 -5.31
N PRO B 109 4.46 -41.54 -5.78
CA PRO B 109 4.50 -41.21 -7.21
C PRO B 109 4.86 -42.42 -8.05
N LEU B 110 5.14 -43.54 -7.39
CA LEU B 110 5.19 -44.79 -8.09
C LEU B 110 3.76 -45.31 -8.38
N LYS B 111 2.78 -44.97 -7.56
CA LYS B 111 1.43 -45.51 -7.75
C LYS B 111 0.43 -44.58 -8.40
N THR B 112 0.69 -43.28 -8.35
CA THR B 112 -0.32 -42.32 -8.75
C THR B 112 -0.51 -42.35 -10.26
N THR B 113 -1.75 -42.25 -10.72
CA THR B 113 -2.07 -42.27 -12.14
C THR B 113 -2.75 -41.02 -12.72
N SER B 114 -2.50 -40.77 -13.99
CA SER B 114 -3.15 -39.69 -14.76
C SER B 114 -4.41 -40.08 -15.58
N TRP B 115 -4.95 -41.27 -15.28
CA TRP B 115 -6.05 -41.89 -15.97
C TRP B 115 -7.21 -40.95 -16.14
N GLY B 116 -7.63 -40.33 -15.05
CA GLY B 116 -8.77 -39.42 -15.07
C GLY B 116 -8.63 -38.18 -15.90
N THR B 117 -7.40 -37.73 -16.19
CA THR B 117 -7.14 -36.63 -17.15
C THR B 117 -7.51 -37.04 -18.58
N GLY B 118 -7.18 -38.28 -18.91
CA GLY B 118 -7.59 -38.93 -20.13
C GLY B 118 -9.09 -39.02 -20.21
N GLU B 119 -9.76 -39.35 -19.11
CA GLU B 119 -11.21 -39.33 -19.11
C GLU B 119 -11.82 -37.96 -19.34
N LEU B 120 -11.26 -36.92 -18.73
CA LEU B 120 -11.72 -35.55 -18.98
C LEU B 120 -11.56 -35.16 -20.44
N ILE B 121 -10.41 -35.50 -21.03
CA ILE B 121 -10.16 -35.22 -22.43
C ILE B 121 -11.20 -35.95 -23.30
N ARG B 122 -11.44 -37.22 -22.99
CA ARG B 122 -12.45 -38.03 -23.68
C ARG B 122 -13.86 -37.41 -23.64
N HIS B 123 -14.29 -36.95 -22.49
CA HIS B 123 -15.60 -36.29 -22.33
C HIS B 123 -15.66 -35.00 -23.12
N ALA B 124 -14.56 -34.21 -23.14
CA ALA B 124 -14.46 -33.02 -23.96
C ALA B 124 -14.62 -33.38 -25.42
N LEU B 125 -13.88 -34.40 -25.85
CA LEU B 125 -13.94 -34.80 -27.23
C LEU B 125 -15.39 -35.23 -27.53
N ASP B 126 -16.03 -35.90 -26.56
CA ASP B 126 -17.43 -36.39 -26.68
C ASP B 126 -18.43 -35.28 -26.89
N ALA B 127 -18.08 -34.08 -26.49
CA ALA B 127 -18.98 -32.96 -26.56
C ALA B 127 -18.85 -32.23 -27.87
N GLY B 128 -17.97 -32.71 -28.75
CA GLY B 128 -17.81 -32.19 -30.07
C GLY B 128 -16.80 -31.08 -30.28
N VAL B 129 -15.95 -30.83 -29.27
CA VAL B 129 -15.03 -29.69 -29.35
C VAL B 129 -13.95 -29.76 -30.46
N GLU B 130 -13.64 -28.64 -31.07
CA GLU B 130 -12.50 -28.54 -31.98
C GLU B 130 -11.21 -28.06 -31.32
N HIS B 131 -11.34 -27.53 -30.13
CA HIS B 131 -10.24 -26.94 -29.41
C HIS B 131 -10.25 -27.39 -27.96
N ILE B 132 -9.14 -27.91 -27.48
CA ILE B 132 -8.95 -28.12 -26.06
C ILE B 132 -7.75 -27.30 -25.53
N ILE B 133 -7.96 -26.60 -24.41
CA ILE B 133 -6.93 -25.93 -23.64
C ILE B 133 -6.77 -26.76 -22.35
N ILE B 134 -5.54 -27.23 -22.07
CA ILE B 134 -5.23 -28.04 -20.87
C ILE B 134 -4.20 -27.37 -20.04
N GLY B 135 -4.51 -27.14 -18.76
CA GLY B 135 -3.50 -26.73 -17.76
C GLY B 135 -2.95 -27.95 -17.03
N ILE B 136 -1.65 -28.08 -16.93
CA ILE B 136 -1.06 -29.27 -16.30
C ILE B 136 -0.22 -28.99 -15.02
N GLY B 137 -0.54 -27.90 -14.32
CA GLY B 137 0.13 -27.62 -13.04
C GLY B 137 -0.47 -28.44 -11.92
N GLY B 138 0.28 -28.59 -10.83
CA GLY B 138 -0.20 -29.25 -9.61
C GLY B 138 -0.45 -30.76 -9.70
N SER B 139 0.38 -31.46 -10.47
CA SER B 139 0.18 -32.89 -10.70
C SER B 139 0.66 -33.75 -9.53
N ALA B 140 -0.04 -34.85 -9.29
CA ALA B 140 0.37 -35.86 -8.30
C ALA B 140 1.22 -36.96 -8.96
N THR B 141 1.17 -36.98 -10.30
CA THR B 141 1.54 -38.16 -11.06
C THR B 141 2.97 -38.08 -11.54
N ASN B 142 3.66 -39.21 -11.55
CA ASN B 142 4.91 -39.29 -12.29
C ASN B 142 4.88 -40.46 -13.25
N ASP B 143 3.75 -40.60 -13.96
CA ASP B 143 3.52 -41.75 -14.81
C ASP B 143 3.72 -41.43 -16.30
N GLY B 144 4.27 -40.24 -16.58
CA GLY B 144 4.52 -39.79 -17.94
C GLY B 144 3.28 -39.66 -18.77
N GLY B 145 2.15 -39.48 -18.12
CA GLY B 145 0.87 -39.47 -18.80
C GLY B 145 0.43 -40.84 -19.30
N ALA B 146 0.98 -41.91 -18.73
CA ALA B 146 0.70 -43.28 -19.23
C ALA B 146 -0.73 -43.73 -18.93
N GLY B 147 -1.24 -43.37 -17.74
CA GLY B 147 -2.65 -43.52 -17.41
C GLY B 147 -3.58 -42.78 -18.33
N MSE B 148 -3.27 -41.53 -18.60
CA MSE B 148 -4.02 -40.67 -19.51
C MSE B 148 -4.23 -41.26 -20.90
O MSE B 148 -5.33 -41.20 -21.42
CB MSE B 148 -3.28 -39.31 -19.67
CG MSE B 148 -4.01 -38.28 -20.48
SE MSE B 148 -2.92 -36.71 -20.73
CE MSE B 148 -1.89 -37.46 -22.21
N VAL B 149 -3.17 -41.73 -21.51
CA VAL B 149 -3.22 -42.18 -22.91
C VAL B 149 -3.91 -43.55 -23.04
N GLN B 150 -3.84 -44.33 -21.98
CA GLN B 150 -4.55 -45.59 -21.89
C GLN B 150 -6.04 -45.34 -21.80
N ALA B 151 -6.44 -44.41 -20.94
CA ALA B 151 -7.84 -43.99 -20.82
C ALA B 151 -8.40 -43.51 -22.17
N LEU B 152 -7.51 -43.02 -23.04
CA LEU B 152 -7.86 -42.56 -24.39
C LEU B 152 -7.67 -43.64 -25.46
N GLY B 153 -7.26 -44.84 -25.08
CA GLY B 153 -7.30 -45.96 -26.00
C GLY B 153 -5.99 -46.63 -26.29
N ALA B 154 -4.87 -46.04 -25.90
CA ALA B 154 -3.55 -46.63 -26.12
C ALA B 154 -3.36 -47.84 -25.23
N ARG B 155 -2.73 -48.88 -25.76
CA ARG B 155 -2.39 -50.04 -24.96
C ARG B 155 -0.90 -50.02 -24.64
N LEU B 156 -0.62 -50.05 -23.34
CA LEU B 156 0.72 -49.94 -22.83
C LEU B 156 1.00 -51.24 -22.09
N ARG B 157 1.75 -52.11 -22.74
CA ARG B 157 1.88 -53.50 -22.30
C ARG B 157 3.28 -53.79 -21.85
N ASP B 158 3.43 -54.92 -21.13
CA ASP B 158 4.75 -55.36 -20.67
C ASP B 158 5.31 -56.45 -21.61
N ALA B 159 6.32 -57.19 -21.16
CA ALA B 159 7.00 -58.14 -22.06
C ALA B 159 6.14 -59.35 -22.38
N GLN B 160 5.12 -59.59 -21.58
CA GLN B 160 4.27 -60.78 -21.71
C GLN B 160 2.85 -60.37 -22.14
N GLY B 161 2.75 -59.17 -22.70
CA GLY B 161 1.49 -58.63 -23.18
C GLY B 161 0.53 -58.25 -22.07
N ASN B 162 1.04 -58.05 -20.85
CA ASN B 162 0.17 -57.61 -19.75
C ASN B 162 0.16 -56.07 -19.71
N ASP B 163 -1.03 -55.46 -19.73
CA ASP B 163 -1.14 -54.03 -19.50
C ASP B 163 -0.33 -53.66 -18.28
N ILE B 164 0.33 -52.50 -18.36
CA ILE B 164 1.22 -52.10 -17.27
C ILE B 164 0.42 -51.71 -16.03
N ALA B 165 1.04 -51.88 -14.87
CA ALA B 165 0.47 -51.51 -13.60
C ALA B 165 0.21 -49.98 -13.50
N GLN B 166 -0.71 -49.57 -12.64
CA GLN B 166 -1.02 -48.16 -12.57
C GLN B 166 0.17 -47.41 -11.95
N GLY B 167 0.37 -46.15 -12.37
CA GLY B 167 1.46 -45.32 -11.88
C GLY B 167 2.79 -45.49 -12.58
N GLY B 168 3.82 -44.84 -12.04
CA GLY B 168 5.16 -44.88 -12.63
C GLY B 168 5.78 -46.26 -12.51
N ILE B 169 5.46 -46.93 -11.40
CA ILE B 169 5.68 -48.36 -11.21
C ILE B 169 5.50 -49.13 -12.51
N GLY B 170 4.37 -48.91 -13.17
CA GLY B 170 3.99 -49.65 -14.37
C GLY B 170 4.84 -49.40 -15.58
N LEU B 171 5.42 -48.21 -15.66
CA LEU B 171 6.18 -47.76 -16.84
C LEU B 171 7.52 -48.50 -17.00
N GLU B 172 8.11 -48.94 -15.89
CA GLU B 172 9.35 -49.75 -15.90
C GLU B 172 9.18 -51.01 -16.74
N THR B 173 7.96 -51.51 -16.77
CA THR B 173 7.63 -52.76 -17.39
C THR B 173 7.22 -52.62 -18.85
N LEU B 174 7.25 -51.40 -19.39
CA LEU B 174 6.61 -51.09 -20.68
C LEU B 174 7.37 -51.68 -21.88
N ALA B 175 6.67 -52.45 -22.72
CA ALA B 175 7.28 -53.19 -23.86
C ALA B 175 6.76 -52.78 -25.25
N SER B 176 5.49 -52.42 -25.37
CA SER B 176 4.98 -51.95 -26.65
C SER B 176 3.87 -50.93 -26.44
N ILE B 177 4.03 -49.77 -27.06
CA ILE B 177 2.97 -48.79 -27.14
C ILE B 177 2.15 -49.11 -28.39
N ASP B 178 0.84 -49.17 -28.23
CA ASP B 178 -0.07 -49.54 -29.33
C ASP B 178 -1.21 -48.53 -29.34
N ILE B 179 -1.26 -47.78 -30.45
CA ILE B 179 -2.18 -46.65 -30.61
C ILE B 179 -3.25 -46.92 -31.68
N SER B 180 -3.40 -48.19 -32.08
CA SER B 180 -4.50 -48.61 -32.95
C SER B 180 -5.82 -48.33 -32.27
N GLY B 181 -5.87 -48.50 -30.95
CA GLY B 181 -7.07 -48.12 -30.18
C GLY B 181 -7.19 -46.66 -29.76
N LEU B 182 -6.22 -45.81 -30.14
CA LEU B 182 -6.11 -44.46 -29.57
C LEU B 182 -7.21 -43.61 -30.20
N ASP B 183 -7.98 -42.93 -29.35
CA ASP B 183 -9.13 -42.12 -29.76
C ASP B 183 -8.74 -41.33 -31.00
N LYS B 184 -9.48 -41.55 -32.09
CA LYS B 184 -9.18 -40.91 -33.38
C LYS B 184 -9.54 -39.43 -33.48
N ARG B 185 -10.29 -38.91 -32.52
CA ARG B 185 -10.77 -37.54 -32.61
C ARG B 185 -9.67 -36.56 -32.20
N LEU B 186 -8.61 -37.11 -31.60
CA LEU B 186 -7.51 -36.35 -30.99
C LEU B 186 -6.67 -35.59 -31.99
N SER B 187 -6.27 -36.22 -33.09
CA SER B 187 -5.40 -35.53 -34.05
C SER B 187 -6.14 -34.45 -34.86
N ALA B 188 -7.43 -34.71 -35.13
CA ALA B 188 -8.37 -33.68 -35.62
C ALA B 188 -8.49 -32.48 -34.66
N CYS B 189 -8.37 -32.71 -33.36
CA CYS B 189 -8.55 -31.63 -32.40
C CYS B 189 -7.32 -30.73 -32.27
N HIS B 190 -7.59 -29.44 -32.08
CA HIS B 190 -6.55 -28.47 -31.75
C HIS B 190 -6.31 -28.45 -30.21
N ILE B 191 -5.21 -29.05 -29.75
CA ILE B 191 -4.96 -29.25 -28.34
C ILE B 191 -3.75 -28.39 -27.87
N GLU B 192 -4.01 -27.42 -27.01
CA GLU B 192 -2.94 -26.58 -26.49
C GLU B 192 -2.73 -26.82 -25.02
N VAL B 193 -1.46 -27.02 -24.62
CA VAL B 193 -1.13 -27.22 -23.20
C VAL B 193 -0.30 -26.10 -22.60
N ALA B 194 -0.85 -25.55 -21.52
CA ALA B 194 -0.23 -24.44 -20.81
C ALA B 194 1.03 -25.07 -20.26
N CYS B 195 2.15 -24.61 -20.77
CA CYS B 195 3.42 -25.15 -20.34
C CYS B 195 4.44 -24.00 -20.21
N ASP B 196 4.88 -23.71 -18.98
CA ASP B 196 5.73 -22.54 -18.75
C ASP B 196 7.12 -22.91 -18.22
N VAL B 197 7.47 -24.20 -18.30
CA VAL B 197 8.79 -24.70 -17.91
C VAL B 197 9.48 -25.27 -19.16
N THR B 198 10.79 -25.38 -19.13
CA THR B 198 11.52 -25.90 -20.27
C THR B 198 12.06 -27.32 -20.00
N ASN B 199 11.72 -27.87 -18.83
CA ASN B 199 12.38 -29.10 -18.36
C ASN B 199 12.01 -30.22 -19.36
N PRO B 200 13.01 -30.99 -19.82
CA PRO B 200 12.72 -32.16 -20.63
C PRO B 200 12.31 -33.39 -19.80
N LEU B 201 12.05 -34.48 -20.49
CA LEU B 201 11.47 -35.70 -19.91
C LEU B 201 12.39 -36.35 -18.85
N THR B 202 13.69 -36.39 -19.18
CA THR B 202 14.68 -37.10 -18.38
C THR B 202 15.89 -36.21 -18.10
N GLY B 203 16.76 -36.71 -17.23
CA GLY B 203 18.02 -36.05 -16.88
C GLY B 203 18.00 -35.25 -15.59
N LYS B 204 19.10 -34.55 -15.37
CA LYS B 204 19.38 -33.76 -14.17
C LYS B 204 18.48 -32.52 -13.99
N GLU B 205 17.81 -32.12 -15.06
CA GLU B 205 16.66 -31.23 -14.91
C GLU B 205 15.47 -31.81 -15.66
N GLY B 206 15.24 -33.11 -15.47
CA GLY B 206 14.09 -33.81 -16.02
C GLY B 206 12.96 -33.85 -15.03
N ALA B 207 11.87 -34.51 -15.42
CA ALA B 207 10.62 -34.56 -14.65
C ALA B 207 10.77 -35.10 -13.23
N SER B 208 11.42 -36.25 -13.11
CA SER B 208 11.58 -36.93 -11.83
C SER B 208 12.54 -36.20 -10.91
N ALA B 209 13.63 -35.68 -11.46
CA ALA B 209 14.63 -34.99 -10.65
C ALA B 209 14.05 -33.71 -10.08
N VAL B 210 13.45 -32.88 -10.92
CA VAL B 210 13.03 -31.54 -10.50
C VAL B 210 11.66 -31.54 -9.79
N PHE B 211 10.69 -32.32 -10.30
CA PHE B 211 9.32 -32.33 -9.75
C PHE B 211 8.92 -33.58 -8.93
N GLY B 212 9.66 -34.66 -9.08
CA GLY B 212 9.41 -35.90 -8.33
C GLY B 212 9.48 -35.68 -6.82
N PRO B 213 10.49 -34.91 -6.35
CA PRO B 213 10.53 -34.66 -4.90
C PRO B 213 9.20 -34.12 -4.32
N GLN B 214 8.65 -33.06 -4.93
CA GLN B 214 7.45 -32.43 -4.39
C GLN B 214 6.19 -33.34 -4.46
N LYS B 215 6.23 -34.39 -5.29
CA LYS B 215 5.21 -35.45 -5.24
C LYS B 215 5.63 -36.61 -4.32
N GLY B 216 6.68 -36.39 -3.53
CA GLY B 216 7.10 -37.35 -2.51
C GLY B 216 8.10 -38.43 -2.92
N ALA B 217 8.81 -38.23 -4.03
CA ALA B 217 9.88 -39.14 -4.42
C ALA B 217 11.10 -39.00 -3.46
N THR B 218 11.57 -40.13 -2.94
CA THR B 218 12.87 -40.19 -2.24
C THR B 218 13.97 -40.15 -3.31
N PRO B 219 15.21 -39.77 -2.91
CA PRO B 219 16.39 -39.81 -3.81
C PRO B 219 16.46 -41.01 -4.73
N GLU B 220 16.04 -42.15 -4.23
CA GLU B 220 16.19 -43.40 -4.95
C GLU B 220 15.03 -43.68 -5.91
N MSE B 221 13.80 -43.38 -5.45
CA MSE B 221 12.62 -43.37 -6.33
C MSE B 221 12.86 -42.54 -7.57
O MSE B 221 12.47 -42.94 -8.66
CB MSE B 221 11.37 -42.86 -5.62
CG MSE B 221 10.66 -43.91 -4.80
SE MSE B 221 9.29 -43.10 -3.69
CE MSE B 221 8.61 -44.66 -2.76
N ILE B 222 13.52 -41.41 -7.41
CA ILE B 222 13.85 -40.52 -8.52
C ILE B 222 14.68 -41.15 -9.65
N GLU B 223 15.80 -41.83 -9.32
CA GLU B 223 16.58 -42.57 -10.33
C GLU B 223 15.77 -43.63 -11.06
N ARG B 224 14.99 -44.42 -10.32
CA ARG B 224 14.08 -45.42 -10.92
C ARG B 224 13.12 -44.80 -11.95
N LEU B 225 12.50 -43.68 -11.60
CA LEU B 225 11.53 -43.01 -12.49
C LEU B 225 12.26 -42.32 -13.64
N ASP B 226 13.42 -41.74 -13.33
CA ASP B 226 14.22 -41.12 -14.37
C ASP B 226 14.66 -42.15 -15.41
N THR B 227 15.12 -43.31 -14.93
CA THR B 227 15.52 -44.41 -15.80
C THR B 227 14.36 -44.96 -16.61
N ALA B 228 13.16 -44.92 -16.02
CA ALA B 228 11.95 -45.43 -16.69
C ALA B 228 11.37 -44.47 -17.77
N LEU B 229 11.60 -43.18 -17.62
CA LEU B 229 11.10 -42.19 -18.58
C LEU B 229 12.03 -42.12 -19.81
N THR B 230 13.31 -42.36 -19.58
CA THR B 230 14.27 -42.72 -20.66
C THR B 230 13.78 -43.84 -21.58
N ARG B 231 13.48 -45.00 -21.01
CA ARG B 231 12.86 -46.11 -21.73
C ARG B 231 11.57 -45.66 -22.43
N TYR B 232 10.73 -44.93 -21.69
CA TYR B 232 9.46 -44.44 -22.22
C TYR B 232 9.71 -43.67 -23.50
N ALA B 233 10.60 -42.68 -23.44
CA ALA B 233 11.00 -41.87 -24.59
C ALA B 233 11.52 -42.69 -25.77
N HIS B 234 12.37 -43.65 -25.44
CA HIS B 234 12.90 -44.63 -26.38
C HIS B 234 11.79 -45.52 -27.01
N LEU B 235 10.79 -45.95 -26.22
CA LEU B 235 9.66 -46.70 -26.80
C LEU B 235 8.68 -45.78 -27.53
N ILE B 236 8.68 -44.50 -27.15
CA ILE B 236 7.92 -43.48 -27.87
C ILE B 236 8.55 -43.25 -29.24
N ALA B 237 9.84 -42.92 -29.27
CA ALA B 237 10.57 -42.73 -30.55
C ALA B 237 10.44 -43.95 -31.45
N ARG B 238 10.43 -45.13 -30.85
CA ARG B 238 10.43 -46.38 -31.58
C ARG B 238 9.06 -46.87 -32.04
N ASP B 239 8.05 -46.75 -31.16
CA ASP B 239 6.70 -47.25 -31.45
C ASP B 239 5.72 -46.17 -31.98
N LEU B 240 5.99 -44.91 -31.68
CA LEU B 240 5.18 -43.77 -32.23
C LEU B 240 5.92 -43.00 -33.32
N HIS B 241 7.24 -43.14 -33.34
CA HIS B 241 8.12 -42.44 -34.29
C HIS B 241 8.14 -40.93 -34.00
N VAL B 242 8.02 -40.61 -32.70
CA VAL B 242 8.18 -39.22 -32.22
C VAL B 242 9.38 -39.15 -31.26
N ASP B 243 10.24 -38.16 -31.46
CA ASP B 243 11.36 -37.84 -30.57
C ASP B 243 10.87 -36.87 -29.49
N VAL B 244 10.93 -37.35 -28.26
CA VAL B 244 10.35 -36.66 -27.13
C VAL B 244 11.43 -36.39 -26.06
N LEU B 245 12.61 -37.00 -26.22
CA LEU B 245 13.73 -36.88 -25.28
C LEU B 245 14.31 -35.47 -25.23
N ASP B 246 14.22 -34.76 -26.36
CA ASP B 246 14.80 -33.44 -26.50
C ASP B 246 13.76 -32.32 -26.32
N LEU B 247 12.47 -32.68 -26.33
CA LEU B 247 11.36 -31.69 -26.23
C LEU B 247 11.47 -30.83 -24.96
N ALA B 248 11.44 -29.52 -25.17
CA ALA B 248 11.38 -28.56 -24.07
C ALA B 248 9.96 -28.54 -23.49
N GLY B 249 9.85 -28.90 -22.21
CA GLY B 249 8.56 -28.91 -21.51
C GLY B 249 7.92 -30.27 -21.49
N GLY B 250 8.57 -31.23 -22.12
CA GLY B 250 8.12 -32.60 -22.12
C GLY B 250 8.17 -33.26 -20.76
N GLY B 251 8.95 -32.69 -19.84
CA GLY B 251 9.07 -33.18 -18.48
C GLY B 251 8.04 -32.61 -17.55
N ALA B 252 7.15 -31.78 -18.09
CA ALA B 252 6.09 -31.15 -17.32
C ALA B 252 5.06 -32.18 -16.87
N ALA B 253 4.54 -32.00 -15.65
CA ALA B 253 3.52 -32.87 -15.04
C ALA B 253 3.91 -34.34 -15.12
N GLY B 254 5.10 -34.67 -14.60
CA GLY B 254 5.62 -36.00 -14.60
C GLY B 254 5.93 -36.60 -15.96
N GLY B 255 6.08 -35.77 -16.98
CA GLY B 255 6.24 -36.28 -18.33
C GLY B 255 4.96 -36.26 -19.16
N MSE B 256 3.86 -35.77 -18.62
CA MSE B 256 2.61 -35.73 -19.36
C MSE B 256 2.72 -34.75 -20.51
O MSE B 256 1.98 -34.87 -21.47
CB MSE B 256 1.44 -35.36 -18.43
CG MSE B 256 0.12 -35.04 -19.13
SE MSE B 256 -1.28 -34.46 -17.91
CE MSE B 256 -1.39 -36.19 -16.99
N GLY B 257 3.59 -33.73 -20.39
CA GLY B 257 3.84 -32.79 -21.51
C GLY B 257 4.33 -33.51 -22.77
N ALA B 258 5.21 -34.48 -22.58
CA ALA B 258 5.75 -35.30 -23.66
C ALA B 258 4.71 -36.30 -24.19
N ALA B 259 3.90 -36.90 -23.32
CA ALA B 259 2.79 -37.77 -23.78
C ALA B 259 1.73 -36.99 -24.53
N LEU B 260 1.41 -35.79 -24.06
CA LEU B 260 0.43 -34.96 -24.75
C LEU B 260 0.94 -34.54 -26.13
N TYR B 261 2.19 -34.12 -26.22
CA TYR B 261 2.82 -33.93 -27.53
C TYR B 261 2.85 -35.19 -28.45
N ALA B 262 3.33 -36.32 -27.94
CA ALA B 262 3.64 -37.48 -28.79
C ALA B 262 2.40 -38.31 -29.20
N PHE B 263 1.43 -38.46 -28.30
CA PHE B 263 0.23 -39.23 -28.57
C PHE B 263 -0.92 -38.37 -29.13
N CYS B 264 -1.08 -37.17 -28.58
CA CYS B 264 -2.27 -36.35 -28.89
C CYS B 264 -2.06 -35.29 -29.94
N GLY B 265 -0.81 -35.05 -30.32
CA GLY B 265 -0.47 -33.93 -31.20
C GLY B 265 -0.63 -32.57 -30.57
N ALA B 266 -0.50 -32.50 -29.25
CA ALA B 266 -0.65 -31.23 -28.53
C ALA B 266 0.51 -30.28 -28.84
N GLN B 267 0.21 -28.99 -28.81
CA GLN B 267 1.24 -27.94 -28.72
C GLN B 267 1.42 -27.44 -27.27
N LEU B 268 2.68 -27.38 -26.84
CA LEU B 268 3.08 -26.85 -25.55
C LEU B 268 3.36 -25.37 -25.77
N ARG B 269 2.65 -24.48 -25.07
CA ARG B 269 2.79 -23.04 -25.25
C ARG B 269 2.70 -22.45 -23.89
N ARG B 270 3.24 -21.26 -23.73
CA ARG B 270 3.12 -20.52 -22.47
C ARG B 270 1.63 -20.29 -22.27
N GLY B 271 1.19 -20.54 -21.06
CA GLY B 271 -0.24 -20.41 -20.76
C GLY B 271 -0.88 -19.08 -21.04
N ILE B 272 -0.17 -17.98 -20.73
CA ILE B 272 -0.76 -16.65 -20.93
C ILE B 272 -1.02 -16.41 -22.41
N GLU B 273 -0.20 -16.97 -23.27
CA GLU B 273 -0.37 -16.85 -24.71
C GLU B 273 -1.55 -17.66 -25.20
N ILE B 274 -1.69 -18.87 -24.68
CA ILE B 274 -2.87 -19.67 -24.99
C ILE B 274 -4.16 -18.90 -24.62
N VAL B 275 -4.18 -18.31 -23.42
CA VAL B 275 -5.40 -17.71 -22.89
C VAL B 275 -5.70 -16.40 -23.60
N THR B 276 -4.65 -15.61 -23.75
CA THR B 276 -4.66 -14.41 -24.58
C THR B 276 -5.18 -14.59 -26.02
N ASP B 277 -4.74 -15.65 -26.70
CA ASP B 277 -5.27 -15.94 -28.03
C ASP B 277 -6.74 -16.36 -27.95
N ALA B 278 -7.01 -17.29 -27.03
CA ALA B 278 -8.34 -17.92 -26.96
C ALA B 278 -9.45 -16.90 -26.67
N LEU B 279 -9.16 -15.92 -25.83
CA LEU B 279 -10.16 -14.90 -25.46
C LEU B 279 -10.08 -13.64 -26.33
N HIS B 280 -9.18 -13.63 -27.31
CA HIS B 280 -9.11 -12.56 -28.30
C HIS B 280 -8.87 -11.20 -27.63
N LEU B 281 -7.90 -11.17 -26.71
CA LEU B 281 -7.53 -9.95 -25.96
C LEU B 281 -7.13 -8.82 -26.91
N GLU B 282 -6.23 -9.16 -27.82
CA GLU B 282 -5.71 -8.23 -28.78
C GLU B 282 -6.80 -7.49 -29.56
N ALA B 283 -7.80 -8.22 -30.05
CA ALA B 283 -8.97 -7.64 -30.71
C ALA B 283 -9.77 -6.72 -29.79
N CYS B 284 -9.98 -7.14 -28.52
CA CYS B 284 -10.62 -6.29 -27.53
C CYS B 284 -9.84 -5.00 -27.24
N LEU B 285 -8.53 -5.10 -27.16
CA LEU B 285 -7.63 -3.96 -26.88
C LEU B 285 -7.44 -2.96 -28.03
N ALA B 286 -7.51 -3.45 -29.27
CA ALA B 286 -7.13 -2.63 -30.47
C ALA B 286 -7.95 -1.36 -30.51
N ASP B 287 -9.16 -1.51 -30.02
CA ASP B 287 -10.14 -0.47 -29.91
C ASP B 287 -10.07 0.45 -28.67
N ALA B 288 -9.50 -0.07 -27.59
CA ALA B 288 -9.64 0.58 -26.28
C ALA B 288 -8.97 1.98 -26.19
N ASP B 289 -9.42 2.78 -25.22
CA ASP B 289 -8.68 3.97 -24.82
C ASP B 289 -7.69 3.72 -23.65
N LEU B 290 -8.00 2.73 -22.84
CA LEU B 290 -7.33 2.53 -21.57
C LEU B 290 -7.45 1.07 -21.21
N VAL B 291 -6.36 0.48 -20.75
CA VAL B 291 -6.38 -0.91 -20.36
C VAL B 291 -6.01 -0.97 -18.87
N ILE B 292 -6.83 -1.67 -18.08
CA ILE B 292 -6.52 -1.87 -16.64
C ILE B 292 -6.32 -3.36 -16.42
N THR B 293 -5.26 -3.69 -15.67
CA THR B 293 -5.02 -5.10 -15.38
C THR B 293 -4.53 -5.22 -13.93
N GLY B 294 -4.03 -6.38 -13.58
CA GLY B 294 -3.47 -6.58 -12.26
C GLY B 294 -3.42 -8.04 -11.98
N GLU B 295 -3.03 -8.37 -10.76
CA GLU B 295 -2.95 -9.75 -10.27
C GLU B 295 -2.64 -9.66 -8.80
N GLY B 296 -2.86 -10.72 -8.05
CA GLY B 296 -2.56 -10.77 -6.64
C GLY B 296 -1.84 -12.06 -6.33
N ARG B 297 -0.68 -11.97 -5.68
CA ARG B 297 0.00 -13.15 -5.14
C ARG B 297 0.22 -13.03 -3.64
N ILE B 298 0.25 -14.17 -3.00
CA ILE B 298 0.34 -14.26 -1.57
C ILE B 298 1.80 -14.64 -1.19
N ASP B 299 2.29 -15.67 -1.84
CA ASP B 299 3.62 -16.21 -1.66
C ASP B 299 4.51 -15.34 -2.54
N SER B 300 5.66 -14.93 -2.00
CA SER B 300 6.59 -14.02 -2.70
C SER B 300 7.47 -14.73 -3.77
N GLN B 301 7.59 -16.05 -3.70
CA GLN B 301 8.37 -16.81 -4.68
C GLN B 301 7.62 -16.83 -6.00
N THR B 302 6.32 -17.11 -5.91
CA THR B 302 5.45 -17.19 -7.09
C THR B 302 4.87 -15.83 -7.56
N ILE B 303 5.47 -14.69 -7.13
CA ILE B 303 5.00 -13.36 -7.62
C ILE B 303 5.60 -13.09 -9.02
N HIS B 304 4.85 -13.53 -10.03
CA HIS B 304 5.28 -13.49 -11.42
C HIS B 304 4.15 -12.81 -12.17
N GLY B 305 4.45 -11.66 -12.76
CA GLY B 305 3.41 -10.87 -13.38
C GLY B 305 3.11 -11.36 -14.76
N LYS B 306 2.79 -12.64 -14.87
CA LYS B 306 2.59 -13.28 -16.17
C LYS B 306 1.44 -12.63 -16.92
N VAL B 307 0.33 -12.38 -16.25
CA VAL B 307 -0.83 -11.79 -16.96
C VAL B 307 -0.63 -10.29 -17.23
N PRO B 308 -0.36 -9.46 -16.19
CA PRO B 308 -0.12 -8.02 -16.47
C PRO B 308 0.91 -7.74 -17.56
N ILE B 309 1.99 -8.47 -17.61
CA ILE B 309 3.07 -8.24 -18.57
C ILE B 309 2.61 -8.64 -19.96
N GLY B 310 1.87 -9.75 -20.08
CA GLY B 310 1.39 -10.19 -21.38
C GLY B 310 0.32 -9.23 -21.93
N VAL B 311 -0.55 -8.77 -21.02
CA VAL B 311 -1.48 -7.70 -21.35
C VAL B 311 -0.70 -6.48 -21.82
N ALA B 312 0.31 -6.04 -21.09
CA ALA B 312 1.07 -4.81 -21.46
C ALA B 312 1.78 -4.99 -22.80
N ASN B 313 2.31 -6.18 -23.05
CA ASN B 313 3.01 -6.44 -24.31
C ASN B 313 2.11 -6.25 -25.52
N ILE B 314 0.86 -6.64 -25.37
CA ILE B 314 -0.09 -6.56 -26.47
C ILE B 314 -0.53 -5.13 -26.62
N ALA B 315 -0.85 -4.48 -25.50
CA ALA B 315 -1.31 -3.08 -25.48
C ALA B 315 -0.32 -2.11 -26.14
N LYS B 316 0.99 -2.34 -25.89
CA LYS B 316 2.09 -1.49 -26.37
C LYS B 316 2.21 -1.50 -27.89
N ARG B 317 1.90 -2.65 -28.50
CA ARG B 317 1.76 -2.77 -29.93
C ARG B 317 0.66 -1.85 -30.49
N TYR B 318 -0.31 -1.45 -29.66
CA TYR B 318 -1.38 -0.53 -30.08
C TYR B 318 -1.25 0.80 -29.37
N ASN B 319 -0.14 0.96 -28.66
CA ASN B 319 0.15 2.20 -27.96
C ASN B 319 -0.94 2.58 -27.00
N LYS B 320 -1.55 1.59 -26.34
CA LYS B 320 -2.61 1.90 -25.37
C LYS B 320 -1.98 2.06 -24.00
N PRO B 321 -2.47 3.04 -23.20
CA PRO B 321 -2.01 3.13 -21.81
C PRO B 321 -2.51 1.97 -20.97
N VAL B 322 -1.62 1.37 -20.20
CA VAL B 322 -1.99 0.26 -19.36
C VAL B 322 -1.53 0.51 -17.93
N ILE B 323 -2.47 0.33 -16.99
CA ILE B 323 -2.28 0.55 -15.55
C ILE B 323 -2.62 -0.75 -14.81
N GLY B 324 -1.74 -1.13 -13.91
CA GLY B 324 -1.95 -2.30 -13.07
C GLY B 324 -2.32 -2.00 -11.63
N ILE B 325 -3.23 -2.83 -11.11
CA ILE B 325 -3.60 -2.83 -9.69
C ILE B 325 -3.23 -4.18 -9.09
N ALA B 326 -2.08 -4.21 -8.43
CA ALA B 326 -1.35 -5.41 -8.02
C ALA B 326 -1.50 -5.69 -6.51
N GLY B 327 -1.99 -6.89 -6.18
CA GLY B 327 -2.22 -7.32 -4.80
C GLY B 327 -1.06 -8.08 -4.24
N SER B 328 -0.75 -7.82 -2.96
CA SER B 328 0.39 -8.45 -2.29
C SER B 328 0.19 -8.54 -0.80
N LEU B 329 1.02 -9.33 -0.14
CA LEU B 329 0.99 -9.47 1.33
C LEU B 329 1.66 -8.27 1.99
N THR B 330 2.70 -7.78 1.33
CA THR B 330 3.48 -6.59 1.70
C THR B 330 3.69 -5.78 0.41
N ALA B 331 4.09 -4.52 0.51
CA ALA B 331 4.40 -3.72 -0.72
C ALA B 331 5.81 -3.08 -0.66
N HIS B 339 7.01 -2.85 -15.88
CA HIS B 339 7.43 -3.82 -16.89
C HIS B 339 6.68 -3.71 -18.24
N GLY B 340 6.37 -2.49 -18.64
CA GLY B 340 5.56 -2.23 -19.83
C GLY B 340 4.25 -1.58 -19.39
N LEU B 341 3.91 -1.77 -18.11
CA LEU B 341 2.76 -1.06 -17.58
C LEU B 341 3.18 0.40 -17.47
N ASP B 342 2.26 1.30 -17.70
CA ASP B 342 2.58 2.71 -17.60
C ASP B 342 2.66 3.10 -16.11
N ALA B 343 1.82 2.46 -15.30
CA ALA B 343 1.77 2.67 -13.85
C ALA B 343 1.23 1.41 -13.16
N VAL B 344 1.66 1.19 -11.92
CA VAL B 344 1.21 0.09 -11.08
C VAL B 344 1.01 0.68 -9.69
N PHE B 345 -0.14 0.35 -9.09
CA PHE B 345 -0.47 0.69 -7.74
C PHE B 345 -0.70 -0.61 -6.96
N SER B 346 -0.31 -0.61 -5.71
CA SER B 346 -0.43 -1.81 -4.88
C SER B 346 -1.62 -1.78 -3.90
N VAL B 347 -2.18 -2.97 -3.69
CA VAL B 347 -3.29 -3.22 -2.79
C VAL B 347 -2.76 -4.32 -1.86
N ILE B 348 -2.81 -4.10 -0.54
CA ILE B 348 -2.41 -5.11 0.42
C ILE B 348 -3.63 -5.97 0.65
N TYR B 349 -3.45 -7.28 0.66
CA TYR B 349 -4.53 -8.20 1.01
C TYR B 349 -4.00 -9.41 1.73
N THR B 350 -4.93 -10.30 2.13
CA THR B 350 -4.64 -11.52 2.88
C THR B 350 -5.45 -12.70 2.35
N ILE B 351 -5.15 -13.88 2.90
CA ILE B 351 -5.90 -15.09 2.61
C ILE B 351 -7.29 -15.04 3.29
N CYS B 352 -8.31 -15.42 2.52
CA CYS B 352 -9.73 -15.21 2.84
C CYS B 352 -10.42 -16.25 3.78
N THR B 353 -9.76 -16.52 4.90
CA THR B 353 -10.30 -17.38 5.97
C THR B 353 -11.12 -16.52 6.98
N LEU B 354 -11.72 -15.44 6.43
CA LEU B 354 -12.83 -14.74 7.07
C LEU B 354 -14.04 -14.58 6.11
N GLU B 355 -13.80 -14.26 4.82
CA GLU B 355 -14.85 -13.86 3.83
C GLU B 355 -15.21 -12.38 4.06
N ASP B 356 -15.21 -11.97 5.33
CA ASP B 356 -15.02 -10.58 5.68
C ASP B 356 -13.76 -10.02 4.98
N ALA B 357 -12.73 -10.86 4.87
CA ALA B 357 -11.47 -10.49 4.22
C ALA B 357 -11.65 -10.46 2.70
N LEU B 358 -12.52 -11.33 2.17
CA LEU B 358 -12.93 -11.26 0.76
C LEU B 358 -13.59 -9.93 0.42
N LYS B 359 -14.47 -9.49 1.31
CA LYS B 359 -15.13 -8.21 1.18
C LYS B 359 -14.12 -7.05 1.26
N ASN B 360 -13.17 -7.14 2.19
CA ASN B 360 -12.13 -6.11 2.33
C ASN B 360 -11.15 -6.07 1.16
N ALA B 361 -10.72 -7.24 0.67
CA ALA B 361 -9.98 -7.29 -0.61
C ALA B 361 -10.78 -6.63 -1.73
N SER B 362 -12.05 -6.94 -1.86
CA SER B 362 -12.92 -6.31 -2.89
C SER B 362 -12.94 -4.77 -2.76
N GLU B 363 -13.12 -4.30 -1.53
CA GLU B 363 -13.25 -2.90 -1.17
C GLU B 363 -11.95 -2.20 -1.44
N ASN B 364 -10.82 -2.80 -1.07
CA ASN B 364 -9.52 -2.16 -1.34
C ASN B 364 -9.15 -2.07 -2.84
N VAL B 365 -9.45 -3.07 -3.65
CA VAL B 365 -9.33 -2.96 -5.10
C VAL B 365 -10.27 -1.87 -5.61
N ARG B 366 -11.52 -1.88 -5.17
CA ARG B 366 -12.46 -0.90 -5.68
C ARG B 366 -11.95 0.50 -5.36
N MSE B 367 -11.60 0.75 -4.10
CA MSE B 367 -11.19 2.07 -3.71
C MSE B 367 -9.91 2.58 -4.37
O MSE B 367 -9.86 3.73 -4.75
CB MSE B 367 -11.10 2.16 -2.20
CG MSE B 367 -12.48 2.38 -1.61
SE MSE B 367 -12.46 2.38 0.30
CE MSE B 367 -11.18 0.93 0.74
N THR B 368 -8.92 1.72 -4.53
CA THR B 368 -7.69 2.02 -5.33
C THR B 368 -8.00 2.35 -6.76
N ALA B 369 -8.84 1.53 -7.37
CA ALA B 369 -9.34 1.77 -8.70
C ALA B 369 -10.02 3.12 -8.84
N ARG B 370 -10.83 3.47 -7.84
CA ARG B 370 -11.47 4.80 -7.80
C ARG B 370 -10.43 5.95 -7.92
N ASN B 371 -9.33 5.81 -7.18
CA ASN B 371 -8.31 6.83 -7.07
C ASN B 371 -7.45 6.88 -8.28
N VAL B 372 -7.27 5.74 -8.92
CA VAL B 372 -6.59 5.68 -10.19
C VAL B 372 -7.41 6.43 -11.23
N ALA B 373 -8.71 6.21 -11.29
CA ALA B 373 -9.61 6.88 -12.24
C ALA B 373 -9.69 8.38 -12.02
N ALA B 374 -9.79 8.78 -10.77
CA ALA B 374 -9.80 10.17 -10.33
C ALA B 374 -8.52 10.89 -10.77
N THR B 375 -7.40 10.20 -10.67
CA THR B 375 -6.10 10.70 -11.13
C THR B 375 -5.98 10.80 -12.66
N LEU B 376 -6.45 9.79 -13.39
CA LEU B 376 -6.60 9.90 -14.84
C LEU B 376 -7.45 11.12 -15.23
N LYS B 377 -8.62 11.28 -14.59
CA LYS B 377 -9.45 12.48 -14.84
C LYS B 377 -8.74 13.80 -14.58
N ALA B 378 -8.03 13.87 -13.44
CA ALA B 378 -7.19 15.03 -13.11
C ALA B 378 -6.17 15.27 -14.23
N GLY B 379 -5.53 14.23 -14.74
CA GLY B 379 -4.63 14.37 -15.87
C GLY B 379 -5.24 14.97 -17.14
N GLN B 380 -6.40 14.50 -17.56
CA GLN B 380 -7.17 15.15 -18.65
C GLN B 380 -7.27 16.65 -18.51
N GLN B 381 -7.54 17.11 -17.29
CA GLN B 381 -7.73 18.54 -17.03
C GLN B 381 -6.43 19.30 -17.00
N LEU B 382 -5.30 18.62 -17.04
CA LEU B 382 -4.04 19.26 -17.24
C LEU B 382 -3.85 19.37 -18.79
C1 EDO C . 15.90 9.98 3.11
O1 EDO C . 15.74 9.09 4.23
C2 EDO C . 16.61 9.19 2.02
O2 EDO C . 16.52 7.78 2.35
CL CL D . -7.97 -41.44 -6.02
C1 EDO E . -14.91 -26.33 -9.16
O1 EDO E . -15.48 -27.60 -8.76
C2 EDO E . -15.80 -25.70 -10.23
O2 EDO E . -15.28 -24.40 -10.57
#